data_9IT5
#
_entry.id   9IT5
#
_cell.length_a   45.400
_cell.length_b   164.933
_cell.length_c   56.588
_cell.angle_alpha   90.000
_cell.angle_beta   111.845
_cell.angle_gamma   90.000
#
_symmetry.space_group_name_H-M   'P 1 21 1'
#
loop_
_entity.id
_entity.type
_entity.pdbx_description
1 polymer 'Histone acetyltransferase p300'
2 non-polymer 4-[(2~{S})-1-[[(~{R})-[(3~{S})-7-(1-methylpyrazol-4-yl)-2,3-dihydro-1~{H}-pyrido[2,3-b][1,4]oxazin-3-yl]-phenyl-methyl]amino]propan-2-yl]benzenecarbonitrile
3 non-polymer 'CHLORIDE ION'
4 non-polymer GLYCEROL
5 non-polymer 1,2-ETHANEDIOL
6 water water
#
_entity_poly.entity_id   1
_entity_poly.type   'polypeptide(L)'
_entity_poly.pdbx_seq_one_letter_code
;MKFSAKRLPSTRLGTFLENRVNDFLRRQNHPESGEVTVRVVHASDKTVEVKPGMKARFVDSGEMAESFPYRTKALFAFEE
IDGVDLCFFGMHVQEYGSDCPPPNQRRVYISYLDSVHFFRPKCLRTAVYHEILIGYLEYVKKLGYTTGHIWACPPSEGDD
YIFHCHPPDQKIPKPKRLQEWYKKMLDKAVSERIVHDYKDIFKQATEDRLTSAKELPYFEGDFWPNVLEESIKELEQKTS
KNKSSLSRGNKKKPGMPNVSNDLSQKLYATMEKHKEVFFVIRLIAGPAANSLPPIVDPDPLIPCDLMDGRDAFLTLARDR
HLEFSSLRRAQWSTGCMLVELHTQSQDRF
;
_entity_poly.pdbx_strand_id   A,B
#
# COMPACT_ATOMS: atom_id res chain seq x y z
N LYS A 2 22.91 -4.29 -25.25
CA LYS A 2 22.31 -3.94 -23.93
C LYS A 2 20.82 -3.71 -24.08
N PHE A 3 20.04 -4.67 -23.55
CA PHE A 3 18.62 -4.50 -23.31
C PHE A 3 18.39 -4.76 -21.82
N SER A 4 18.36 -3.68 -21.03
CA SER A 4 18.23 -3.80 -19.59
C SER A 4 16.82 -4.27 -19.24
N ALA A 5 16.69 -4.82 -18.03
CA ALA A 5 15.44 -5.34 -17.52
C ALA A 5 14.42 -4.21 -17.39
N LYS A 6 14.91 -3.01 -17.03
CA LYS A 6 14.07 -1.85 -16.79
C LYS A 6 13.23 -1.50 -18.01
N ARG A 7 13.71 -1.89 -19.20
CA ARG A 7 13.07 -1.51 -20.45
C ARG A 7 11.78 -2.29 -20.67
N LEU A 8 11.63 -3.46 -20.03
CA LEU A 8 10.42 -4.24 -20.20
C LEU A 8 9.21 -3.45 -19.70
N PRO A 9 8.01 -3.63 -20.29
CA PRO A 9 6.85 -2.86 -19.88
C PRO A 9 6.56 -3.02 -18.39
N SER A 10 6.19 -1.91 -17.74
CA SER A 10 5.90 -1.88 -16.32
C SER A 10 4.48 -2.39 -16.06
N THR A 11 4.28 -2.86 -14.83
CA THR A 11 2.96 -3.15 -14.28
C THR A 11 2.90 -2.58 -12.87
N ARG A 12 1.69 -2.42 -12.35
CA ARG A 12 1.47 -2.00 -10.97
CA ARG A 12 1.46 -2.01 -10.96
C ARG A 12 2.10 -3.01 -10.02
N LEU A 13 2.01 -4.32 -10.36
CA LEU A 13 2.57 -5.36 -9.51
C LEU A 13 4.08 -5.30 -9.52
N GLY A 14 4.68 -5.22 -10.70
CA GLY A 14 6.12 -5.17 -10.80
C GLY A 14 6.67 -3.96 -10.04
N THR A 15 5.99 -2.82 -10.16
CA THR A 15 6.46 -1.57 -9.59
C THR A 15 6.41 -1.66 -8.06
N PHE A 16 5.30 -2.19 -7.54
CA PHE A 16 5.11 -2.33 -6.10
C PHE A 16 6.18 -3.23 -5.49
N LEU A 17 6.55 -4.30 -6.21
CA LEU A 17 7.50 -5.27 -5.69
C LEU A 17 8.90 -4.65 -5.70
N GLU A 18 9.28 -4.00 -6.80
CA GLU A 18 10.64 -3.50 -6.93
C GLU A 18 10.86 -2.34 -5.96
N ASN A 19 9.82 -1.51 -5.77
CA ASN A 19 9.89 -0.41 -4.82
C ASN A 19 10.14 -0.96 -3.41
N ARG A 20 9.41 -2.00 -3.03
CA ARG A 20 9.58 -2.61 -1.72
C ARG A 20 11.00 -3.16 -1.55
N VAL A 21 11.56 -3.79 -2.59
CA VAL A 21 12.90 -4.35 -2.53
C VAL A 21 13.93 -3.22 -2.47
N ASN A 22 13.82 -2.26 -3.39
CA ASN A 22 14.81 -1.21 -3.51
C ASN A 22 14.82 -0.34 -2.24
N ASP A 23 13.63 -0.08 -1.68
CA ASP A 23 13.51 0.66 -0.43
C ASP A 23 14.23 -0.09 0.68
N PHE A 24 13.97 -1.41 0.79
CA PHE A 24 14.58 -2.25 1.80
C PHE A 24 16.11 -2.19 1.68
N LEU A 25 16.62 -2.20 0.44
CA LEU A 25 18.06 -2.28 0.20
C LEU A 25 18.72 -0.95 0.56
N ARG A 26 18.05 0.16 0.24
CA ARG A 26 18.57 1.49 0.58
C ARG A 26 18.67 1.62 2.10
N ARG A 27 17.70 1.08 2.83
CA ARG A 27 17.76 1.06 4.29
C ARG A 27 19.03 0.34 4.75
N GLN A 28 19.38 -0.78 4.10
CA GLN A 28 20.47 -1.63 4.56
C GLN A 28 21.80 -0.95 4.26
N ASN A 29 21.87 -0.28 3.11
CA ASN A 29 23.02 0.50 2.72
C ASN A 29 24.29 -0.35 2.82
N HIS A 30 24.25 -1.51 2.14
CA HIS A 30 25.44 -2.31 1.88
C HIS A 30 25.96 -1.88 0.52
N PRO A 31 27.28 -1.61 0.38
CA PRO A 31 27.82 -1.09 -0.89
C PRO A 31 27.79 -2.05 -2.08
N GLU A 32 27.63 -3.36 -1.80
CA GLU A 32 27.69 -4.39 -2.83
C GLU A 32 26.37 -4.50 -3.60
N SER A 33 25.27 -3.96 -3.07
CA SER A 33 23.96 -4.22 -3.65
C SER A 33 23.75 -3.39 -4.91
N GLY A 34 22.85 -3.85 -5.79
CA GLY A 34 22.51 -3.10 -7.00
C GLY A 34 21.03 -2.81 -7.06
N GLU A 35 20.60 -2.06 -8.08
CA GLU A 35 19.19 -1.75 -8.29
C GLU A 35 18.45 -3.03 -8.69
N VAL A 36 17.25 -3.23 -8.13
CA VAL A 36 16.44 -4.40 -8.45
C VAL A 36 15.25 -3.97 -9.30
N THR A 37 15.08 -4.71 -10.40
CA THR A 37 13.96 -4.54 -11.33
C THR A 37 13.07 -5.77 -11.21
N VAL A 38 11.77 -5.58 -11.08
CA VAL A 38 10.83 -6.69 -11.07
C VAL A 38 9.86 -6.50 -12.24
N ARG A 39 9.77 -7.52 -13.12
CA ARG A 39 8.85 -7.46 -14.25
C ARG A 39 7.97 -8.70 -14.35
N VAL A 40 6.65 -8.44 -14.48
CA VAL A 40 5.69 -9.43 -14.93
C VAL A 40 5.84 -9.58 -16.44
N VAL A 41 6.17 -10.82 -16.88
CA VAL A 41 6.47 -11.11 -18.27
C VAL A 41 5.39 -11.98 -18.91
N HIS A 42 4.40 -12.42 -18.13
CA HIS A 42 3.29 -13.19 -18.67
C HIS A 42 2.09 -13.04 -17.76
N ALA A 43 0.91 -12.82 -18.35
CA ALA A 43 -0.35 -12.90 -17.63
C ALA A 43 -1.48 -13.30 -18.60
N SER A 44 -2.15 -14.43 -18.32
CA SER A 44 -3.27 -14.87 -19.13
C SER A 44 -4.36 -15.48 -18.27
N ASP A 45 -5.54 -15.65 -18.87
CA ASP A 45 -6.69 -16.23 -18.20
C ASP A 45 -6.81 -17.69 -18.59
N LYS A 46 -7.01 -18.55 -17.59
CA LYS A 46 -7.03 -19.99 -17.77
C LYS A 46 -8.10 -20.58 -16.86
N THR A 47 -8.37 -21.87 -17.02
CA THR A 47 -9.27 -22.55 -16.10
C THR A 47 -8.61 -23.87 -15.69
N VAL A 48 -8.86 -24.26 -14.43
CA VAL A 48 -8.45 -25.58 -13.97
C VAL A 48 -9.69 -26.45 -13.97
N GLU A 49 -9.59 -27.61 -14.62
CA GLU A 49 -10.70 -28.54 -14.81
C GLU A 49 -10.71 -29.54 -13.64
N VAL A 50 -11.90 -29.81 -13.10
CA VAL A 50 -12.06 -30.84 -12.09
C VAL A 50 -11.89 -32.19 -12.79
N LYS A 51 -10.98 -33.00 -12.25
CA LYS A 51 -10.56 -34.25 -12.90
C LYS A 51 -11.68 -35.29 -12.80
N PRO A 52 -11.62 -36.38 -13.59
CA PRO A 52 -12.75 -37.29 -13.78
C PRO A 52 -13.49 -37.81 -12.55
N GLY A 53 -12.75 -38.23 -11.51
CA GLY A 53 -13.35 -38.83 -10.34
C GLY A 53 -14.16 -37.83 -9.55
N MET A 54 -13.58 -36.64 -9.29
CA MET A 54 -14.29 -35.56 -8.62
C MET A 54 -15.44 -35.03 -9.50
N LYS A 55 -15.25 -34.99 -10.82
CA LYS A 55 -16.31 -34.55 -11.71
C LYS A 55 -17.53 -35.47 -11.57
N ALA A 56 -17.31 -36.78 -11.61
CA ALA A 56 -18.41 -37.74 -11.51
C ALA A 56 -19.19 -37.54 -10.22
N ARG A 57 -18.48 -37.33 -9.12
CA ARG A 57 -19.07 -37.32 -7.79
CA ARG A 57 -19.10 -37.33 -7.80
C ARG A 57 -19.75 -35.98 -7.50
N PHE A 58 -19.16 -34.86 -7.96
CA PHE A 58 -19.63 -33.56 -7.48
C PHE A 58 -20.03 -32.58 -8.58
N VAL A 59 -19.40 -32.61 -9.75
CA VAL A 59 -19.75 -31.71 -10.84
C VAL A 59 -21.02 -32.21 -11.53
N ASP A 60 -21.06 -33.52 -11.83
CA ASP A 60 -22.14 -34.15 -12.56
C ASP A 60 -23.46 -34.09 -11.77
N SER A 61 -23.36 -33.99 -10.44
CA SER A 61 -24.50 -33.89 -9.54
C SER A 61 -24.90 -32.44 -9.27
N GLY A 62 -24.20 -31.48 -9.87
CA GLY A 62 -24.50 -30.05 -9.72
C GLY A 62 -24.02 -29.44 -8.40
N GLU A 63 -23.08 -30.08 -7.70
CA GLU A 63 -22.69 -29.63 -6.38
C GLU A 63 -21.39 -28.81 -6.43
N MET A 64 -20.71 -28.79 -7.58
CA MET A 64 -19.40 -28.17 -7.69
C MET A 64 -19.20 -27.74 -9.13
N ALA A 65 -18.57 -26.57 -9.34
CA ALA A 65 -18.30 -26.06 -10.66
C ALA A 65 -17.40 -27.02 -11.44
N GLU A 66 -17.54 -27.01 -12.78
CA GLU A 66 -16.83 -27.93 -13.66
C GLU A 66 -15.36 -27.53 -13.75
N SER A 67 -15.10 -26.23 -13.62
CA SER A 67 -13.75 -25.69 -13.73
C SER A 67 -13.69 -24.38 -12.96
N PHE A 68 -12.46 -23.90 -12.70
CA PHE A 68 -12.27 -22.68 -11.93
C PHE A 68 -11.42 -21.72 -12.75
N PRO A 69 -11.90 -20.49 -13.00
CA PRO A 69 -11.15 -19.48 -13.72
C PRO A 69 -10.05 -18.85 -12.85
N TYR A 70 -8.84 -18.74 -13.39
CA TYR A 70 -7.79 -18.04 -12.69
C TYR A 70 -6.98 -17.24 -13.68
N ARG A 71 -6.27 -16.25 -13.13
CA ARG A 71 -5.23 -15.56 -13.88
C ARG A 71 -3.86 -16.10 -13.47
N THR A 72 -3.07 -16.51 -14.46
CA THR A 72 -1.70 -16.95 -14.23
C THR A 72 -0.77 -15.79 -14.51
N LYS A 73 0.22 -15.60 -13.65
CA LYS A 73 1.22 -14.56 -13.84
C LYS A 73 2.59 -15.18 -13.67
N ALA A 74 3.53 -14.78 -14.53
CA ALA A 74 4.93 -15.06 -14.32
C ALA A 74 5.69 -13.74 -14.10
N LEU A 75 6.56 -13.69 -13.10
CA LEU A 75 7.35 -12.50 -12.91
C LEU A 75 8.78 -12.89 -12.53
N PHE A 76 9.70 -11.95 -12.80
CA PHE A 76 11.12 -12.15 -12.57
C PHE A 76 11.66 -10.94 -11.83
N ALA A 77 12.62 -11.16 -10.93
CA ALA A 77 13.39 -10.10 -10.33
C ALA A 77 14.81 -10.13 -10.86
N PHE A 78 15.36 -8.94 -11.13
CA PHE A 78 16.70 -8.78 -11.66
C PHE A 78 17.52 -7.90 -10.72
N GLU A 79 18.81 -8.19 -10.59
CA GLU A 79 19.73 -7.32 -9.87
C GLU A 79 20.82 -6.88 -10.85
N GLU A 80 21.08 -5.57 -10.88
CA GLU A 80 22.24 -5.04 -11.58
C GLU A 80 23.48 -5.43 -10.77
N ILE A 81 24.39 -6.19 -11.39
CA ILE A 81 25.63 -6.61 -10.77
C ILE A 81 26.77 -6.16 -11.69
N ASP A 82 27.62 -5.25 -11.19
CA ASP A 82 28.69 -4.68 -11.98
C ASP A 82 28.11 -4.20 -13.33
N GLY A 83 26.98 -3.50 -13.26
CA GLY A 83 26.40 -2.85 -14.44
C GLY A 83 25.64 -3.81 -15.37
N VAL A 84 25.40 -5.05 -14.93
CA VAL A 84 24.86 -6.08 -15.80
C VAL A 84 23.73 -6.83 -15.07
N ASP A 85 22.53 -6.81 -15.65
CA ASP A 85 21.37 -7.44 -15.05
C ASP A 85 21.60 -8.94 -14.90
N LEU A 86 21.29 -9.45 -13.70
CA LEU A 86 21.21 -10.87 -13.41
C LEU A 86 19.77 -11.19 -13.01
N CYS A 87 19.17 -12.18 -13.68
CA CYS A 87 17.89 -12.72 -13.26
C CYS A 87 18.13 -13.72 -12.12
N PHE A 88 17.65 -13.40 -10.90
CA PHE A 88 17.98 -14.19 -9.73
C PHE A 88 16.74 -14.84 -9.10
N PHE A 89 15.54 -14.52 -9.56
CA PHE A 89 14.31 -14.92 -8.90
C PHE A 89 13.18 -14.97 -9.92
N GLY A 90 12.39 -16.04 -9.86
CA GLY A 90 11.21 -16.19 -10.69
C GLY A 90 10.06 -16.81 -9.92
N MET A 91 8.84 -16.43 -10.29
CA MET A 91 7.65 -16.90 -9.59
C MET A 91 6.47 -16.97 -10.56
N HIS A 92 5.72 -18.08 -10.47
CA HIS A 92 4.49 -18.26 -11.19
C HIS A 92 3.38 -18.40 -10.16
N VAL A 93 2.28 -17.68 -10.37
CA VAL A 93 1.17 -17.66 -9.43
C VAL A 93 -0.12 -17.92 -10.20
N GLN A 94 -1.13 -18.37 -9.45
CA GLN A 94 -2.50 -18.49 -9.93
C GLN A 94 -3.36 -17.62 -9.01
N GLU A 95 -4.16 -16.73 -9.62
CA GLU A 95 -5.02 -15.84 -8.85
C GLU A 95 -6.49 -16.08 -9.21
N TYR A 96 -7.26 -16.51 -8.21
CA TYR A 96 -8.69 -16.80 -8.37
C TYR A 96 -9.49 -15.61 -7.80
N GLY A 97 -10.18 -14.91 -8.71
CA GLY A 97 -10.79 -13.63 -8.38
C GLY A 97 -12.14 -13.81 -7.71
N SER A 98 -12.87 -12.69 -7.67
CA SER A 98 -14.10 -12.59 -6.92
C SER A 98 -15.25 -13.23 -7.70
N ASP A 99 -15.11 -13.37 -9.02
CA ASP A 99 -16.11 -14.01 -9.86
C ASP A 99 -15.85 -15.51 -9.99
N CYS A 100 -14.90 -16.03 -9.21
CA CYS A 100 -14.60 -17.45 -9.23
C CYS A 100 -15.55 -18.16 -8.27
N PRO A 101 -16.25 -19.24 -8.69
CA PRO A 101 -17.10 -19.98 -7.76
C PRO A 101 -16.29 -20.48 -6.56
N PRO A 102 -16.93 -20.64 -5.38
CA PRO A 102 -16.33 -21.39 -4.27
C PRO A 102 -15.98 -22.81 -4.70
N PRO A 103 -14.99 -23.48 -4.05
CA PRO A 103 -14.24 -22.89 -2.93
C PRO A 103 -12.97 -22.10 -3.23
N ASN A 104 -12.74 -21.71 -4.50
CA ASN A 104 -11.50 -21.05 -4.88
C ASN A 104 -11.56 -19.51 -4.76
N GLN A 105 -12.71 -18.95 -4.38
CA GLN A 105 -12.95 -17.52 -4.47
C GLN A 105 -11.96 -16.72 -3.61
N ARG A 106 -11.29 -15.76 -4.25
CA ARG A 106 -10.39 -14.80 -3.64
C ARG A 106 -9.14 -15.47 -3.07
N ARG A 107 -8.54 -16.40 -3.82
CA ARG A 107 -7.40 -17.17 -3.34
C ARG A 107 -6.27 -17.06 -4.35
N VAL A 108 -5.04 -16.85 -3.85
CA VAL A 108 -3.86 -16.96 -4.69
C VAL A 108 -3.10 -18.22 -4.30
N TYR A 109 -2.53 -18.86 -5.32
CA TYR A 109 -1.69 -20.04 -5.15
C TYR A 109 -0.36 -19.79 -5.85
N ILE A 110 0.74 -20.05 -5.15
CA ILE A 110 2.06 -19.97 -5.76
C ILE A 110 2.36 -21.34 -6.39
N SER A 111 2.46 -21.36 -7.73
CA SER A 111 2.71 -22.57 -8.50
C SER A 111 4.13 -23.04 -8.31
N TYR A 112 5.06 -22.10 -8.54
CA TYR A 112 6.48 -22.41 -8.57
C TYR A 112 7.29 -21.16 -8.19
N LEU A 113 8.35 -21.39 -7.41
CA LEU A 113 9.40 -20.42 -7.15
C LEU A 113 10.70 -20.98 -7.74
N ASP A 114 11.54 -20.09 -8.27
CA ASP A 114 12.87 -20.51 -8.69
C ASP A 114 13.84 -19.37 -8.40
N SER A 115 15.12 -19.73 -8.33
CA SER A 115 16.14 -18.74 -8.04
C SER A 115 17.48 -19.19 -8.59
N VAL A 116 18.35 -18.20 -8.82
CA VAL A 116 19.75 -18.39 -9.15
C VAL A 116 20.54 -17.60 -8.11
N HIS A 117 21.31 -18.30 -7.27
CA HIS A 117 21.66 -17.86 -5.94
C HIS A 117 22.77 -16.80 -5.86
N PHE A 118 22.99 -15.99 -6.91
CA PHE A 118 24.13 -15.08 -6.93
C PHE A 118 23.76 -13.66 -6.50
N PHE A 119 22.59 -13.46 -5.89
CA PHE A 119 22.21 -12.12 -5.44
C PHE A 119 23.38 -11.52 -4.64
N ARG A 120 23.72 -10.26 -4.94
CA ARG A 120 24.85 -9.60 -4.29
CA ARG A 120 24.85 -9.60 -4.29
C ARG A 120 24.33 -8.45 -3.45
N PRO A 121 24.67 -8.35 -2.14
CA PRO A 121 25.51 -9.30 -1.43
C PRO A 121 24.79 -10.55 -0.93
N LYS A 122 25.53 -11.65 -0.76
CA LYS A 122 24.96 -12.93 -0.36
CA LYS A 122 24.95 -12.93 -0.37
C LYS A 122 24.21 -12.81 0.97
N CYS A 123 24.72 -11.95 1.87
CA CYS A 123 24.13 -11.86 3.21
C CYS A 123 22.74 -11.21 3.22
N LEU A 124 22.30 -10.58 2.11
CA LEU A 124 20.96 -10.02 2.01
C LEU A 124 20.01 -10.89 1.17
N ARG A 125 20.48 -12.05 0.70
CA ARG A 125 19.77 -12.87 -0.27
C ARG A 125 18.43 -13.36 0.27
N THR A 126 18.46 -14.01 1.43
CA THR A 126 17.24 -14.47 2.07
C THR A 126 16.27 -13.31 2.28
N ALA A 127 16.80 -12.16 2.72
CA ALA A 127 15.96 -11.04 3.12
C ALA A 127 15.18 -10.55 1.90
N VAL A 128 15.89 -10.46 0.77
CA VAL A 128 15.31 -10.00 -0.48
C VAL A 128 14.21 -10.96 -0.94
N TYR A 129 14.50 -12.27 -0.95
CA TYR A 129 13.49 -13.26 -1.29
C TYR A 129 12.23 -13.04 -0.45
N HIS A 130 12.44 -12.87 0.86
CA HIS A 130 11.34 -12.62 1.78
C HIS A 130 10.60 -11.33 1.41
N GLU A 131 11.31 -10.28 0.99
CA GLU A 131 10.63 -9.01 0.71
C GLU A 131 9.73 -9.17 -0.52
N ILE A 132 10.19 -9.95 -1.50
CA ILE A 132 9.38 -10.17 -2.70
C ILE A 132 8.10 -10.90 -2.31
N LEU A 133 8.23 -11.99 -1.56
CA LEU A 133 7.06 -12.81 -1.25
C LEU A 133 6.09 -12.02 -0.40
N ILE A 134 6.61 -11.32 0.61
CA ILE A 134 5.76 -10.55 1.51
C ILE A 134 5.07 -9.45 0.71
N GLY A 135 5.82 -8.80 -0.19
CA GLY A 135 5.23 -7.77 -1.02
C GLY A 135 4.09 -8.31 -1.87
N TYR A 136 4.21 -9.57 -2.33
CA TYR A 136 3.22 -10.15 -3.22
C TYR A 136 1.92 -10.31 -2.44
N LEU A 137 2.07 -10.76 -1.19
CA LEU A 137 0.94 -10.97 -0.33
C LEU A 137 0.25 -9.64 -0.01
N GLU A 138 1.05 -8.62 0.28
CA GLU A 138 0.52 -7.30 0.61
C GLU A 138 -0.25 -6.75 -0.60
N TYR A 139 0.33 -6.92 -1.78
CA TYR A 139 -0.27 -6.42 -3.01
C TYR A 139 -1.64 -7.06 -3.27
N VAL A 140 -1.74 -8.39 -3.14
CA VAL A 140 -2.97 -9.06 -3.54
C VAL A 140 -4.01 -8.88 -2.43
N LYS A 141 -3.57 -8.78 -1.17
CA LYS A 141 -4.45 -8.42 -0.08
C LYS A 141 -5.18 -7.13 -0.40
N LYS A 142 -4.43 -6.12 -0.87
CA LYS A 142 -4.94 -4.80 -1.18
C LYS A 142 -5.98 -4.85 -2.30
N LEU A 143 -5.87 -5.83 -3.20
CA LEU A 143 -6.84 -6.01 -4.26
C LEU A 143 -8.09 -6.71 -3.73
N GLY A 144 -7.94 -7.50 -2.67
CA GLY A 144 -9.07 -8.11 -1.99
C GLY A 144 -9.00 -9.64 -1.92
N TYR A 145 -7.88 -10.23 -2.33
CA TYR A 145 -7.66 -11.66 -2.14
C TYR A 145 -7.53 -11.91 -0.64
N THR A 146 -8.25 -12.92 -0.12
CA THR A 146 -8.32 -13.12 1.32
C THR A 146 -7.30 -14.15 1.79
N THR A 147 -6.88 -15.07 0.90
CA THR A 147 -6.06 -16.22 1.30
C THR A 147 -4.92 -16.46 0.31
N GLY A 148 -3.74 -16.79 0.83
CA GLY A 148 -2.62 -17.30 0.06
C GLY A 148 -2.37 -18.78 0.35
N HIS A 149 -1.82 -19.52 -0.62
CA HIS A 149 -1.62 -20.94 -0.49
C HIS A 149 -0.22 -21.29 -0.97
N ILE A 150 0.56 -21.97 -0.11
CA ILE A 150 1.89 -22.42 -0.46
C ILE A 150 2.01 -23.93 -0.27
N TRP A 151 2.51 -24.60 -1.30
CA TRP A 151 2.97 -25.98 -1.19
C TRP A 151 4.48 -25.96 -0.99
N ALA A 152 4.89 -26.26 0.24
CA ALA A 152 6.24 -26.03 0.73
C ALA A 152 7.11 -27.26 0.64
N CYS A 153 7.17 -27.88 -0.55
CA CYS A 153 8.09 -28.97 -0.76
C CYS A 153 9.31 -28.48 -1.54
N PRO A 154 10.47 -29.17 -1.41
CA PRO A 154 11.70 -28.77 -2.08
C PRO A 154 11.74 -29.22 -3.54
N PRO A 155 12.59 -28.58 -4.36
CA PRO A 155 12.78 -28.99 -5.76
C PRO A 155 13.68 -30.21 -5.82
N SER A 156 13.75 -30.80 -7.02
CA SER A 156 14.60 -31.94 -7.34
C SER A 156 15.67 -31.46 -8.32
N GLU A 157 16.90 -32.00 -8.17
CA GLU A 157 17.94 -31.75 -9.14
C GLU A 157 17.48 -32.19 -10.54
N GLY A 158 16.64 -33.22 -10.57
CA GLY A 158 16.24 -33.85 -11.82
C GLY A 158 15.27 -33.00 -12.64
N ASP A 159 14.59 -32.01 -12.03
CA ASP A 159 13.54 -31.31 -12.76
C ASP A 159 13.52 -29.82 -12.43
N ASP A 160 14.11 -29.02 -13.32
CA ASP A 160 14.23 -27.58 -13.12
C ASP A 160 12.86 -26.93 -13.26
N TYR A 161 12.53 -26.05 -12.30
CA TYR A 161 11.25 -25.37 -12.31
C TYR A 161 11.18 -24.32 -13.42
N ILE A 162 12.09 -23.34 -13.37
CA ILE A 162 12.05 -22.22 -14.30
C ILE A 162 13.38 -22.09 -15.01
N PHE A 163 14.48 -22.11 -14.24
CA PHE A 163 15.81 -21.85 -14.74
C PHE A 163 16.49 -23.17 -15.11
N HIS A 164 17.06 -23.19 -16.32
CA HIS A 164 17.78 -24.35 -16.85
C HIS A 164 19.20 -24.37 -16.32
N CYS A 165 19.56 -25.50 -15.70
CA CYS A 165 20.89 -25.77 -15.20
CA CYS A 165 20.89 -25.78 -15.19
C CYS A 165 21.25 -24.80 -14.07
N HIS A 166 20.95 -25.20 -12.83
CA HIS A 166 21.23 -24.42 -11.64
C HIS A 166 22.70 -24.57 -11.27
N PRO A 167 23.25 -23.69 -10.41
CA PRO A 167 24.61 -23.87 -9.89
C PRO A 167 24.75 -25.20 -9.16
N PRO A 168 25.83 -25.98 -9.40
CA PRO A 168 26.00 -27.25 -8.71
C PRO A 168 26.10 -27.14 -7.20
N ASP A 169 26.36 -25.92 -6.69
CA ASP A 169 26.46 -25.74 -5.25
C ASP A 169 25.30 -24.90 -4.70
N GLN A 170 24.27 -24.63 -5.51
CA GLN A 170 23.03 -24.09 -4.97
C GLN A 170 22.36 -25.19 -4.14
N LYS A 171 22.13 -24.91 -2.86
CA LYS A 171 21.76 -25.89 -1.86
C LYS A 171 20.25 -26.10 -1.83
N ILE A 172 19.81 -27.35 -2.05
CA ILE A 172 18.39 -27.68 -1.93
C ILE A 172 18.08 -27.93 -0.46
N PRO A 173 17.11 -27.23 0.15
CA PRO A 173 16.81 -27.47 1.56
C PRO A 173 16.14 -28.83 1.73
N LYS A 174 16.30 -29.41 2.92
CA LYS A 174 15.48 -30.52 3.36
C LYS A 174 14.12 -30.00 3.81
N PRO A 175 13.06 -30.86 3.86
CA PRO A 175 11.71 -30.40 4.18
C PRO A 175 11.54 -29.48 5.38
N LYS A 176 12.10 -29.89 6.54
CA LYS A 176 11.93 -29.15 7.79
C LYS A 176 12.63 -27.80 7.72
N ARG A 177 13.79 -27.73 7.06
CA ARG A 177 14.46 -26.46 6.91
C ARG A 177 13.61 -25.52 6.06
N LEU A 178 13.05 -26.05 4.96
CA LEU A 178 12.24 -25.27 4.05
C LEU A 178 11.00 -24.74 4.77
N GLN A 179 10.37 -25.60 5.56
CA GLN A 179 9.17 -25.21 6.28
C GLN A 179 9.52 -24.04 7.21
N GLU A 180 10.70 -24.09 7.82
CA GLU A 180 11.10 -23.05 8.77
C GLU A 180 11.39 -21.74 8.03
N TRP A 181 11.94 -21.86 6.82
CA TRP A 181 12.14 -20.72 5.95
C TRP A 181 10.82 -20.00 5.69
N TYR A 182 9.77 -20.76 5.35
CA TYR A 182 8.48 -20.16 5.02
C TYR A 182 7.89 -19.51 6.27
N LYS A 183 8.03 -20.16 7.43
CA LYS A 183 7.48 -19.62 8.66
C LYS A 183 8.13 -18.29 9.03
N LYS A 184 9.45 -18.21 8.82
CA LYS A 184 10.19 -16.98 9.15
C LYS A 184 9.69 -15.85 8.24
N MET A 185 9.48 -16.16 6.96
CA MET A 185 8.91 -15.21 6.01
C MET A 185 7.52 -14.77 6.48
N LEU A 186 6.70 -15.74 6.86
CA LEU A 186 5.31 -15.45 7.22
C LEU A 186 5.22 -14.69 8.55
N ASP A 187 6.16 -14.98 9.46
CA ASP A 187 6.23 -14.33 10.76
C ASP A 187 6.51 -12.85 10.60
N LYS A 188 7.41 -12.53 9.68
CA LYS A 188 7.74 -11.15 9.37
C LYS A 188 6.52 -10.48 8.77
N ALA A 189 5.76 -11.22 7.94
CA ALA A 189 4.55 -10.69 7.33
C ALA A 189 3.50 -10.40 8.40
N VAL A 190 3.38 -11.29 9.39
CA VAL A 190 2.46 -11.08 10.51
C VAL A 190 2.88 -9.81 11.25
N SER A 191 4.17 -9.64 11.53
CA SER A 191 4.67 -8.51 12.31
CA SER A 191 4.65 -8.52 12.31
C SER A 191 4.45 -7.20 11.56
N GLU A 192 4.32 -7.24 10.23
CA GLU A 192 4.11 -6.01 9.48
C GLU A 192 2.61 -5.76 9.28
N ARG A 193 1.76 -6.56 9.94
CA ARG A 193 0.31 -6.47 9.89
C ARG A 193 -0.20 -6.66 8.45
N ILE A 194 0.47 -7.54 7.69
CA ILE A 194 0.06 -7.87 6.34
C ILE A 194 -0.73 -9.18 6.40
N VAL A 195 -0.09 -10.24 6.89
CA VAL A 195 -0.75 -11.51 7.12
C VAL A 195 -1.32 -11.52 8.54
N HIS A 196 -2.61 -11.86 8.63
CA HIS A 196 -3.32 -11.92 9.90
C HIS A 196 -2.83 -13.13 10.68
N ASP A 197 -2.82 -14.28 10.00
CA ASP A 197 -2.32 -15.52 10.57
C ASP A 197 -2.16 -16.56 9.46
N TYR A 198 -1.66 -17.74 9.85
CA TYR A 198 -1.51 -18.82 8.91
C TYR A 198 -1.62 -20.14 9.67
N LYS A 199 -2.07 -21.17 8.95
CA LYS A 199 -2.27 -22.48 9.53
C LYS A 199 -1.84 -23.52 8.50
N ASP A 200 -1.54 -24.72 8.99
CA ASP A 200 -1.45 -25.90 8.14
C ASP A 200 -2.85 -26.19 7.60
N ILE A 201 -2.91 -27.07 6.59
CA ILE A 201 -4.14 -27.30 5.85
C ILE A 201 -5.13 -28.08 6.72
N PHE A 202 -4.60 -28.95 7.58
CA PHE A 202 -5.41 -29.79 8.45
C PHE A 202 -6.12 -28.93 9.50
N LYS A 203 -5.36 -28.09 10.21
CA LYS A 203 -5.95 -27.17 11.18
C LYS A 203 -6.89 -26.18 10.49
N GLN A 204 -6.56 -25.75 9.26
CA GLN A 204 -7.43 -24.81 8.57
C GLN A 204 -8.78 -25.47 8.26
N ALA A 205 -8.74 -26.72 7.77
CA ALA A 205 -9.93 -27.45 7.37
C ALA A 205 -10.86 -27.67 8.58
N THR A 206 -10.30 -28.19 9.68
CA THR A 206 -11.03 -28.44 10.92
C THR A 206 -11.74 -27.19 11.39
N GLU A 207 -11.04 -26.05 11.43
CA GLU A 207 -11.65 -24.81 11.91
C GLU A 207 -12.76 -24.29 10.97
N ASP A 208 -12.62 -24.51 9.66
CA ASP A 208 -13.68 -24.18 8.72
C ASP A 208 -14.75 -25.28 8.69
N ARG A 209 -14.52 -26.39 9.40
CA ARG A 209 -15.48 -27.47 9.52
C ARG A 209 -15.81 -28.01 8.13
N LEU A 210 -14.77 -28.18 7.32
CA LEU A 210 -14.91 -28.84 6.04
C LEU A 210 -15.45 -30.24 6.29
N THR A 211 -16.50 -30.64 5.54
CA THR A 211 -17.07 -31.98 5.67
C THR A 211 -17.11 -32.72 4.35
N SER A 212 -16.81 -32.04 3.23
CA SER A 212 -16.83 -32.63 1.90
C SER A 212 -15.61 -32.14 1.11
N ALA A 213 -15.10 -33.01 0.24
CA ALA A 213 -13.92 -32.72 -0.56
C ALA A 213 -14.19 -31.58 -1.56
N LYS A 214 -15.46 -31.35 -1.89
CA LYS A 214 -15.83 -30.34 -2.86
C LYS A 214 -15.57 -28.95 -2.28
N GLU A 215 -15.37 -28.86 -0.96
CA GLU A 215 -15.11 -27.60 -0.30
C GLU A 215 -13.62 -27.28 -0.22
N LEU A 216 -12.76 -28.21 -0.67
CA LEU A 216 -11.32 -27.97 -0.58
C LEU A 216 -10.85 -27.20 -1.81
N PRO A 217 -10.10 -26.09 -1.66
CA PRO A 217 -9.59 -25.36 -2.82
C PRO A 217 -8.85 -26.28 -3.79
N TYR A 218 -9.16 -26.07 -5.09
CA TYR A 218 -8.78 -26.93 -6.19
C TYR A 218 -7.97 -26.15 -7.21
N PHE A 219 -6.63 -26.34 -7.19
CA PHE A 219 -5.70 -25.50 -7.92
C PHE A 219 -5.02 -26.33 -9.01
N GLU A 220 -4.64 -25.68 -10.11
CA GLU A 220 -3.98 -26.35 -11.21
C GLU A 220 -2.64 -26.93 -10.74
N GLY A 221 -2.47 -28.26 -10.91
CA GLY A 221 -1.21 -28.94 -10.70
C GLY A 221 -0.89 -29.16 -9.22
N ASP A 222 -1.81 -28.82 -8.32
CA ASP A 222 -1.57 -28.95 -6.90
C ASP A 222 -1.64 -30.42 -6.47
N PHE A 223 -1.15 -30.68 -5.26
CA PHE A 223 -1.17 -31.98 -4.63
C PHE A 223 -2.60 -32.53 -4.53
N TRP A 224 -3.52 -31.70 -4.07
CA TRP A 224 -4.78 -32.18 -3.50
C TRP A 224 -5.73 -32.75 -4.55
N PRO A 225 -5.88 -32.15 -5.76
CA PRO A 225 -6.66 -32.78 -6.82
C PRO A 225 -6.21 -34.19 -7.17
N ASN A 226 -4.88 -34.44 -7.15
CA ASN A 226 -4.39 -35.78 -7.44
C ASN A 226 -4.68 -36.75 -6.29
N VAL A 227 -4.52 -36.30 -5.04
CA VAL A 227 -4.87 -37.12 -3.90
C VAL A 227 -6.32 -37.59 -4.06
N LEU A 228 -7.22 -36.66 -4.37
CA LEU A 228 -8.64 -36.96 -4.43
C LEU A 228 -8.91 -37.98 -5.54
N GLU A 229 -8.23 -37.84 -6.67
CA GLU A 229 -8.42 -38.78 -7.77
C GLU A 229 -7.99 -40.19 -7.38
N GLU A 230 -6.84 -40.29 -6.68
CA GLU A 230 -6.34 -41.58 -6.22
C GLU A 230 -7.29 -42.14 -5.16
N SER A 231 -7.77 -41.30 -4.24
CA SER A 231 -8.64 -41.77 -3.17
C SER A 231 -9.93 -42.33 -3.75
N ILE A 232 -10.48 -41.66 -4.76
CA ILE A 232 -11.77 -42.04 -5.32
C ILE A 232 -11.60 -43.36 -6.04
N LYS A 233 -10.51 -43.53 -6.78
CA LYS A 233 -10.23 -44.80 -7.45
C LYS A 233 -10.14 -45.93 -6.42
N GLU A 234 -9.44 -45.72 -5.31
CA GLU A 234 -9.33 -46.74 -4.27
C GLU A 234 -10.71 -47.13 -3.76
N LEU A 235 -11.56 -46.14 -3.49
CA LEU A 235 -12.87 -46.38 -2.88
C LEU A 235 -13.77 -47.17 -3.83
N GLU A 236 -13.74 -46.83 -5.11
CA GLU A 236 -14.66 -47.42 -6.08
C GLU A 236 -14.16 -48.80 -6.50
N GLN A 237 -12.94 -49.18 -6.11
CA GLN A 237 -12.43 -50.51 -6.38
C GLN A 237 -12.99 -51.55 -5.40
N LYS A 238 -13.44 -51.10 -4.23
CA LYS A 238 -13.86 -52.02 -3.18
C LYS A 238 -15.24 -52.60 -3.49
N THR A 239 -15.37 -53.93 -3.34
CA THR A 239 -16.66 -54.61 -3.38
C THR A 239 -16.92 -55.25 -2.03
N SER A 240 -18.17 -55.60 -1.74
CA SER A 240 -18.48 -56.34 -0.53
C SER A 240 -19.79 -57.11 -0.69
N LYS A 241 -19.87 -58.24 0.03
CA LYS A 241 -20.99 -59.16 -0.10
C LYS A 241 -22.12 -58.68 0.81
N ASN A 242 -23.31 -59.24 0.55
CA ASN A 242 -24.51 -58.92 1.30
C ASN A 242 -24.23 -59.08 2.80
N LYS A 243 -24.83 -58.21 3.60
CA LYS A 243 -24.70 -58.27 5.04
C LYS A 243 -25.72 -59.28 5.56
N SER A 244 -25.45 -59.83 6.77
CA SER A 244 -26.48 -60.57 7.49
C SER A 244 -27.47 -59.60 8.12
N SER A 245 -28.66 -60.10 8.46
CA SER A 245 -29.77 -59.28 8.91
C SER A 245 -29.39 -58.46 10.14
N LEU A 246 -29.06 -59.15 11.24
CA LEU A 246 -28.74 -58.48 12.50
C LEU A 246 -27.29 -58.84 12.87
N ASN A 261 -18.36 -39.90 2.58
CA ASN A 261 -17.78 -39.66 3.93
C ASN A 261 -16.56 -40.55 4.16
N ASP A 262 -16.49 -41.72 3.50
CA ASP A 262 -15.24 -42.44 3.35
C ASP A 262 -14.20 -41.53 2.69
N LEU A 263 -14.64 -40.79 1.65
CA LEU A 263 -13.76 -39.88 0.93
C LEU A 263 -13.26 -38.80 1.89
N SER A 264 -14.19 -38.19 2.65
CA SER A 264 -13.85 -37.13 3.58
C SER A 264 -12.86 -37.62 4.64
N GLN A 265 -13.04 -38.88 5.10
CA GLN A 265 -12.22 -39.45 6.15
C GLN A 265 -10.80 -39.70 5.63
N LYS A 266 -10.70 -40.21 4.41
CA LYS A 266 -9.41 -40.38 3.76
C LYS A 266 -8.72 -39.02 3.56
N LEU A 267 -9.49 -38.00 3.15
CA LEU A 267 -8.95 -36.67 2.94
C LEU A 267 -8.34 -36.11 4.22
N TYR A 268 -9.10 -36.17 5.33
CA TYR A 268 -8.63 -35.68 6.61
C TYR A 268 -7.38 -36.45 7.05
N ALA A 269 -7.34 -37.76 6.81
CA ALA A 269 -6.18 -38.57 7.16
C ALA A 269 -4.94 -38.10 6.40
N THR A 270 -5.07 -37.98 5.07
CA THR A 270 -3.97 -37.53 4.24
C THR A 270 -3.57 -36.10 4.61
N MET A 271 -4.54 -35.21 4.91
CA MET A 271 -4.22 -33.85 5.30
C MET A 271 -3.41 -33.83 6.60
N GLU A 272 -3.77 -34.68 7.56
CA GLU A 272 -3.11 -34.66 8.86
C GLU A 272 -1.68 -35.13 8.67
N LYS A 273 -1.50 -36.18 7.85
CA LYS A 273 -0.23 -36.81 7.63
C LYS A 273 0.80 -35.85 7.01
N HIS A 274 0.32 -34.84 6.26
CA HIS A 274 1.19 -34.03 5.41
C HIS A 274 1.04 -32.55 5.73
N LYS A 275 0.48 -32.23 6.89
CA LYS A 275 -0.03 -30.90 7.18
C LYS A 275 1.07 -29.84 7.18
N GLU A 276 2.30 -30.20 7.61
CA GLU A 276 3.37 -29.22 7.80
C GLU A 276 3.87 -28.70 6.45
N VAL A 277 3.51 -29.39 5.36
CA VAL A 277 3.95 -29.08 4.01
C VAL A 277 3.05 -28.03 3.36
N PHE A 278 1.80 -27.92 3.83
CA PHE A 278 0.79 -27.15 3.11
C PHE A 278 0.31 -26.00 3.98
N PHE A 279 0.60 -24.76 3.54
CA PHE A 279 0.30 -23.57 4.32
C PHE A 279 -0.91 -22.87 3.73
N VAL A 280 -1.81 -22.40 4.61
CA VAL A 280 -2.94 -21.55 4.27
C VAL A 280 -2.78 -20.22 4.99
N ILE A 281 -2.70 -19.13 4.22
CA ILE A 281 -2.25 -17.84 4.74
C ILE A 281 -3.44 -16.89 4.71
N ARG A 282 -3.96 -16.54 5.88
CA ARG A 282 -5.11 -15.66 5.96
C ARG A 282 -4.63 -14.21 5.93
N LEU A 283 -4.99 -13.50 4.85
CA LEU A 283 -4.59 -12.12 4.62
C LEU A 283 -5.64 -11.14 5.15
N ILE A 284 -6.93 -11.46 4.93
CA ILE A 284 -8.04 -10.64 5.39
C ILE A 284 -8.93 -11.52 6.26
N ALA A 285 -9.15 -11.08 7.52
CA ALA A 285 -9.76 -11.92 8.52
C ALA A 285 -11.07 -11.32 9.03
N GLY A 286 -11.94 -12.19 9.57
CA GLY A 286 -13.12 -11.77 10.31
C GLY A 286 -14.08 -10.97 9.43
N PRO A 287 -14.68 -9.87 9.96
CA PRO A 287 -15.79 -9.20 9.29
C PRO A 287 -15.40 -8.54 7.96
N ALA A 288 -14.20 -7.94 7.92
CA ALA A 288 -13.69 -7.33 6.70
C ALA A 288 -13.84 -8.26 5.50
N ALA A 289 -13.60 -9.56 5.71
CA ALA A 289 -13.56 -10.54 4.62
C ALA A 289 -14.94 -10.77 4.02
N ASN A 290 -16.00 -10.43 4.77
CA ASN A 290 -17.36 -10.80 4.39
C ASN A 290 -17.95 -9.77 3.43
N SER A 291 -17.44 -8.53 3.47
CA SER A 291 -18.09 -7.43 2.78
C SER A 291 -17.09 -6.65 1.94
N LEU A 292 -16.32 -7.37 1.12
CA LEU A 292 -15.34 -6.75 0.24
C LEU A 292 -15.99 -6.40 -1.09
N PRO A 293 -15.53 -5.34 -1.79
CA PRO A 293 -15.98 -5.08 -3.16
C PRO A 293 -15.38 -6.12 -4.10
N PRO A 294 -15.84 -6.19 -5.37
CA PRO A 294 -15.14 -6.98 -6.40
C PRO A 294 -13.62 -6.77 -6.44
N ILE A 295 -12.89 -7.82 -6.85
CA ILE A 295 -11.48 -7.69 -7.16
C ILE A 295 -11.37 -7.14 -8.57
N VAL A 296 -10.62 -6.04 -8.71
CA VAL A 296 -10.30 -5.47 -10.00
C VAL A 296 -8.79 -5.42 -10.08
N ASP A 297 -8.24 -6.08 -11.11
CA ASP A 297 -6.81 -6.08 -11.35
C ASP A 297 -6.53 -4.92 -12.29
N PRO A 298 -5.72 -3.93 -11.88
CA PRO A 298 -5.41 -2.79 -12.77
C PRO A 298 -4.48 -3.11 -13.93
N ASP A 299 -3.79 -4.24 -13.89
CA ASP A 299 -2.77 -4.56 -14.89
C ASP A 299 -3.40 -5.31 -16.05
N PRO A 300 -2.98 -5.06 -17.31
CA PRO A 300 -3.53 -5.77 -18.46
C PRO A 300 -2.97 -7.18 -18.58
N LEU A 301 -3.67 -7.99 -19.39
CA LEU A 301 -3.14 -9.27 -19.81
C LEU A 301 -1.84 -9.02 -20.56
N ILE A 302 -0.90 -9.96 -20.47
CA ILE A 302 0.38 -9.88 -21.14
C ILE A 302 0.62 -11.21 -21.86
N PRO A 303 0.20 -11.33 -23.14
CA PRO A 303 0.40 -12.58 -23.86
C PRO A 303 1.90 -12.66 -24.07
N CYS A 304 2.43 -13.88 -23.98
CA CYS A 304 3.84 -14.14 -24.21
C CYS A 304 4.03 -15.65 -24.15
N ASP A 305 4.14 -16.27 -25.33
CA ASP A 305 4.23 -17.72 -25.46
C ASP A 305 5.47 -18.26 -24.76
N LEU A 306 6.57 -17.50 -24.78
CA LEU A 306 7.84 -17.94 -24.22
C LEU A 306 7.75 -18.19 -22.72
N MET A 307 6.92 -17.40 -22.03
CA MET A 307 6.85 -17.41 -20.57
C MET A 307 5.53 -17.96 -20.04
N ASP A 308 4.72 -18.53 -20.93
CA ASP A 308 3.54 -19.31 -20.57
C ASP A 308 3.99 -20.70 -20.13
N GLY A 309 3.52 -21.14 -18.96
CA GLY A 309 3.98 -22.41 -18.40
C GLY A 309 5.48 -22.38 -18.17
N ARG A 310 6.11 -23.56 -18.20
CA ARG A 310 7.53 -23.69 -17.88
C ARG A 310 8.31 -24.25 -19.07
N ASP A 311 7.66 -25.03 -19.94
CA ASP A 311 8.39 -25.83 -20.91
C ASP A 311 9.03 -24.95 -21.98
N ALA A 312 8.32 -23.88 -22.38
CA ALA A 312 8.77 -23.03 -23.47
C ALA A 312 10.13 -22.42 -23.14
N PHE A 313 10.27 -21.84 -21.94
CA PHE A 313 11.50 -21.15 -21.58
C PHE A 313 12.61 -22.18 -21.29
N LEU A 314 12.26 -23.34 -20.73
CA LEU A 314 13.24 -24.39 -20.51
C LEU A 314 13.73 -24.94 -21.85
N THR A 315 12.82 -25.03 -22.83
CA THR A 315 13.15 -25.51 -24.17
C THR A 315 14.14 -24.56 -24.84
N LEU A 316 13.80 -23.26 -24.85
CA LEU A 316 14.63 -22.22 -25.46
C LEU A 316 15.99 -22.14 -24.80
N ALA A 317 16.07 -22.40 -23.48
CA ALA A 317 17.36 -22.41 -22.80
C ALA A 317 18.17 -23.65 -23.19
N ARG A 318 17.51 -24.81 -23.30
CA ARG A 318 18.18 -26.05 -23.71
C ARG A 318 18.75 -25.87 -25.11
N ASP A 319 17.87 -25.49 -26.05
CA ASP A 319 18.20 -25.39 -27.46
C ASP A 319 19.31 -24.38 -27.71
N ARG A 320 19.32 -23.27 -26.95
CA ARG A 320 20.30 -22.21 -27.15
C ARG A 320 21.45 -22.32 -26.15
N HIS A 321 21.60 -23.50 -25.53
CA HIS A 321 22.70 -23.79 -24.60
C HIS A 321 22.88 -22.66 -23.58
N LEU A 322 21.78 -22.03 -23.13
CA LEU A 322 21.82 -21.07 -22.05
C LEU A 322 21.86 -21.84 -20.73
N GLU A 323 22.58 -21.32 -19.73
CA GLU A 323 22.59 -21.92 -18.41
C GLU A 323 22.51 -20.83 -17.34
N PHE A 324 22.17 -21.22 -16.11
CA PHE A 324 22.21 -20.34 -14.96
C PHE A 324 23.12 -20.93 -13.90
N SER A 325 24.21 -21.59 -14.33
CA SER A 325 25.02 -22.45 -13.48
C SER A 325 26.21 -21.70 -12.87
N SER A 326 26.47 -20.49 -13.37
CA SER A 326 27.46 -19.61 -12.78
C SER A 326 26.99 -18.16 -13.01
N LEU A 327 27.57 -17.21 -12.27
CA LEU A 327 27.22 -15.80 -12.42
C LEU A 327 27.36 -15.40 -13.89
N ARG A 328 28.52 -15.73 -14.47
CA ARG A 328 28.84 -15.28 -15.81
C ARG A 328 27.75 -15.77 -16.75
N ARG A 329 27.52 -17.09 -16.76
CA ARG A 329 26.58 -17.72 -17.67
C ARG A 329 25.15 -17.22 -17.43
N ALA A 330 24.82 -16.99 -16.16
CA ALA A 330 23.49 -16.54 -15.78
C ALA A 330 23.24 -15.12 -16.28
N GLN A 331 24.29 -14.28 -16.27
CA GLN A 331 24.19 -12.93 -16.80
C GLN A 331 24.01 -12.98 -18.32
N TRP A 332 24.76 -13.86 -18.97
CA TRP A 332 24.63 -14.09 -20.40
C TRP A 332 23.22 -14.60 -20.75
N SER A 333 22.71 -15.58 -19.99
CA SER A 333 21.37 -16.07 -20.24
C SER A 333 20.33 -14.99 -19.96
N THR A 334 20.55 -14.17 -18.93
CA THR A 334 19.65 -13.06 -18.63
C THR A 334 19.56 -12.15 -19.85
N GLY A 335 20.73 -11.76 -20.37
CA GLY A 335 20.81 -10.87 -21.52
C GLY A 335 20.09 -11.43 -22.74
N CYS A 336 20.29 -12.74 -23.01
CA CYS A 336 19.66 -13.41 -24.14
C CYS A 336 18.15 -13.51 -23.95
N MET A 337 17.72 -13.81 -22.72
CA MET A 337 16.30 -13.85 -22.35
C MET A 337 15.64 -12.50 -22.61
N LEU A 338 16.27 -11.41 -22.15
CA LEU A 338 15.70 -10.08 -22.28
C LEU A 338 15.54 -9.70 -23.75
N VAL A 339 16.53 -10.10 -24.57
CA VAL A 339 16.54 -9.82 -26.00
C VAL A 339 15.42 -10.61 -26.68
N GLU A 340 15.17 -11.83 -26.21
CA GLU A 340 14.05 -12.62 -26.70
C GLU A 340 12.72 -11.97 -26.31
N LEU A 341 12.62 -11.45 -25.08
CA LEU A 341 11.38 -10.87 -24.58
C LEU A 341 11.05 -9.57 -25.31
N HIS A 342 12.07 -8.81 -25.74
CA HIS A 342 11.83 -7.60 -26.50
C HIS A 342 11.33 -7.98 -27.90
N THR A 343 12.19 -8.68 -28.66
CA THR A 343 11.94 -8.95 -30.06
C THR A 343 10.53 -9.52 -30.26
N GLN A 344 10.16 -10.52 -29.46
CA GLN A 344 8.83 -11.11 -29.54
C GLN A 344 7.79 -10.11 -29.01
N LYS B 2 5.35 20.36 -24.32
CA LYS B 2 3.93 20.51 -23.90
C LYS B 2 3.87 20.81 -22.41
N PHE B 3 2.91 21.67 -22.03
CA PHE B 3 2.71 22.09 -20.65
C PHE B 3 1.56 21.28 -20.05
N SER B 4 1.77 19.96 -20.00
CA SER B 4 0.82 19.01 -19.46
C SER B 4 1.19 18.67 -18.02
N ALA B 5 0.17 18.39 -17.20
CA ALA B 5 0.39 18.02 -15.81
C ALA B 5 1.21 16.74 -15.73
N LYS B 6 0.94 15.79 -16.65
CA LYS B 6 1.57 14.48 -16.62
C LYS B 6 3.09 14.60 -16.79
N ARG B 7 3.51 15.65 -17.52
CA ARG B 7 4.91 15.89 -17.82
C ARG B 7 5.66 16.41 -16.60
N LEU B 8 4.94 16.89 -15.58
CA LEU B 8 5.58 17.27 -14.33
C LEU B 8 6.27 16.04 -13.76
N PRO B 9 7.41 16.19 -13.07
CA PRO B 9 8.12 15.04 -12.50
C PRO B 9 7.21 14.25 -11.55
N SER B 10 7.33 12.92 -11.61
CA SER B 10 6.59 11.99 -10.78
C SER B 10 7.23 11.87 -9.40
N THR B 11 6.41 11.47 -8.42
CA THR B 11 6.85 11.11 -7.09
C THR B 11 6.10 9.84 -6.70
N ARG B 12 6.63 9.15 -5.70
CA ARG B 12 5.94 8.01 -5.11
C ARG B 12 4.59 8.46 -4.55
N LEU B 13 4.58 9.60 -3.85
CA LEU B 13 3.36 10.13 -3.26
C LEU B 13 2.35 10.48 -4.35
N GLY B 14 2.79 11.18 -5.39
CA GLY B 14 1.89 11.57 -6.46
C GLY B 14 1.30 10.37 -7.20
N THR B 15 2.14 9.35 -7.44
CA THR B 15 1.77 8.16 -8.19
C THR B 15 0.73 7.37 -7.40
N PHE B 16 1.00 7.22 -6.09
CA PHE B 16 0.11 6.49 -5.22
C PHE B 16 -1.28 7.14 -5.23
N LEU B 17 -1.30 8.48 -5.14
CA LEU B 17 -2.57 9.19 -5.03
C LEU B 17 -3.34 9.10 -6.35
N GLU B 18 -2.66 9.26 -7.48
CA GLU B 18 -3.37 9.27 -8.74
C GLU B 18 -3.85 7.86 -9.10
N ASN B 19 -3.10 6.83 -8.68
CA ASN B 19 -3.52 5.45 -8.90
C ASN B 19 -4.81 5.17 -8.15
N ARG B 20 -4.87 5.63 -6.90
CA ARG B 20 -6.03 5.42 -6.07
C ARG B 20 -7.25 6.08 -6.71
N VAL B 21 -7.08 7.33 -7.16
CA VAL B 21 -8.20 8.09 -7.70
C VAL B 21 -8.65 7.44 -9.00
N ASN B 22 -7.71 7.09 -9.88
CA ASN B 22 -8.06 6.62 -11.21
C ASN B 22 -8.67 5.22 -11.13
N ASP B 23 -8.21 4.42 -10.17
CA ASP B 23 -8.79 3.11 -9.94
C ASP B 23 -10.25 3.25 -9.57
N PHE B 24 -10.53 4.19 -8.66
CA PHE B 24 -11.88 4.48 -8.19
C PHE B 24 -12.77 4.96 -9.35
N LEU B 25 -12.23 5.78 -10.26
CA LEU B 25 -13.00 6.32 -11.36
C LEU B 25 -13.34 5.22 -12.37
N ARG B 26 -12.39 4.31 -12.65
CA ARG B 26 -12.61 3.22 -13.60
C ARG B 26 -13.68 2.26 -13.07
N ARG B 27 -13.75 2.08 -11.74
CA ARG B 27 -14.79 1.27 -11.14
C ARG B 27 -16.16 1.92 -11.29
N GLN B 28 -16.21 3.26 -11.19
CA GLN B 28 -17.46 3.99 -11.29
C GLN B 28 -17.97 3.96 -12.74
N ASN B 29 -17.04 4.12 -13.69
CA ASN B 29 -17.30 3.98 -15.11
C ASN B 29 -18.31 5.01 -15.60
N HIS B 30 -18.27 6.23 -15.03
CA HIS B 30 -19.12 7.33 -15.49
CA HIS B 30 -19.12 7.32 -15.50
C HIS B 30 -18.49 7.91 -16.76
N PRO B 31 -19.21 7.99 -17.89
CA PRO B 31 -18.58 8.43 -19.14
C PRO B 31 -18.02 9.86 -19.19
N GLU B 32 -18.25 10.68 -18.16
CA GLU B 32 -17.81 12.06 -18.21
C GLU B 32 -16.46 12.27 -17.51
N SER B 33 -15.97 11.26 -16.79
CA SER B 33 -14.74 11.43 -16.02
C SER B 33 -13.53 11.41 -16.94
N GLY B 34 -12.49 12.15 -16.55
CA GLY B 34 -11.24 12.19 -17.30
C GLY B 34 -10.12 11.56 -16.46
N GLU B 35 -8.94 11.42 -17.07
CA GLU B 35 -7.79 10.90 -16.36
C GLU B 35 -7.35 11.95 -15.33
N VAL B 36 -7.04 11.49 -14.11
CA VAL B 36 -6.63 12.36 -13.04
C VAL B 36 -5.12 12.24 -12.86
N THR B 37 -4.46 13.39 -12.71
CA THR B 37 -3.03 13.46 -12.47
C THR B 37 -2.78 14.11 -11.11
N VAL B 38 -1.90 13.51 -10.31
CA VAL B 38 -1.52 14.11 -9.03
C VAL B 38 -0.02 14.34 -9.00
N ARG B 39 0.39 15.59 -8.70
CA ARG B 39 1.80 15.94 -8.66
C ARG B 39 2.16 16.69 -7.37
N VAL B 40 3.31 16.32 -6.79
CA VAL B 40 3.97 17.08 -5.75
C VAL B 40 4.86 18.11 -6.42
N VAL B 41 4.63 19.39 -6.13
CA VAL B 41 5.31 20.47 -6.86
C VAL B 41 6.21 21.30 -5.94
N HIS B 42 6.17 21.03 -4.64
CA HIS B 42 7.11 21.63 -3.71
C HIS B 42 7.31 20.63 -2.58
N ALA B 43 8.58 20.43 -2.20
CA ALA B 43 8.93 19.78 -0.94
C ALA B 43 10.25 20.37 -0.43
N SER B 44 10.21 20.91 0.80
CA SER B 44 11.40 21.42 1.45
C SER B 44 11.35 21.13 2.96
N ASP B 45 12.48 21.39 3.63
CA ASP B 45 12.66 21.09 5.04
C ASP B 45 12.66 22.41 5.80
N LYS B 46 11.84 22.49 6.84
CA LYS B 46 11.62 23.72 7.57
C LYS B 46 11.63 23.38 9.05
N THR B 47 11.57 24.41 9.91
CA THR B 47 11.34 24.20 11.33
C THR B 47 10.27 25.18 11.78
N VAL B 48 9.49 24.77 12.78
CA VAL B 48 8.60 25.67 13.48
C VAL B 48 9.26 26.02 14.81
N GLU B 49 9.39 27.33 15.07
CA GLU B 49 10.03 27.84 16.27
C GLU B 49 8.99 28.02 17.38
N VAL B 50 9.35 27.61 18.60
CA VAL B 50 8.47 27.81 19.74
C VAL B 50 8.47 29.31 20.06
N LYS B 51 7.25 29.86 20.12
CA LYS B 51 7.06 31.29 20.25
C LYS B 51 7.48 31.76 21.65
N PRO B 52 7.69 33.08 21.84
CA PRO B 52 8.37 33.61 23.03
C PRO B 52 7.88 33.17 24.41
N GLY B 53 6.56 33.13 24.63
CA GLY B 53 5.99 32.83 25.93
C GLY B 53 6.21 31.38 26.34
N MET B 54 5.88 30.45 25.43
CA MET B 54 6.22 29.05 25.60
C MET B 54 7.75 28.85 25.64
N LYS B 55 8.51 29.61 24.86
CA LYS B 55 9.96 29.48 24.90
C LYS B 55 10.46 29.78 26.33
N ALA B 56 10.07 30.95 26.86
CA ALA B 56 10.48 31.37 28.18
C ALA B 56 10.11 30.32 29.24
N ARG B 57 8.97 29.65 29.09
CA ARG B 57 8.49 28.74 30.12
C ARG B 57 9.05 27.33 29.99
N PHE B 58 9.20 26.82 28.76
CA PHE B 58 9.55 25.42 28.58
C PHE B 58 10.86 25.22 27.81
N VAL B 59 11.20 26.13 26.90
CA VAL B 59 12.41 25.94 26.12
C VAL B 59 13.62 26.29 27.00
N ASP B 60 13.54 27.48 27.61
CA ASP B 60 14.64 28.06 28.36
C ASP B 60 15.05 27.17 29.54
N SER B 61 14.14 26.32 30.03
CA SER B 61 14.38 25.46 31.18
C SER B 61 14.80 24.06 30.71
N GLY B 62 14.92 23.87 29.40
CA GLY B 62 15.41 22.61 28.85
C GLY B 62 14.35 21.51 28.85
N GLU B 63 13.07 21.89 28.98
CA GLU B 63 12.00 20.92 29.07
C GLU B 63 11.38 20.66 27.69
N MET B 64 11.62 21.53 26.72
CA MET B 64 10.96 21.40 25.42
C MET B 64 11.92 21.89 24.34
N ALA B 65 11.87 21.25 23.17
CA ALA B 65 12.77 21.62 22.08
C ALA B 65 12.51 23.07 21.65
N GLU B 66 13.57 23.74 21.20
CA GLU B 66 13.50 25.11 20.71
C GLU B 66 12.66 25.20 19.42
N SER B 67 12.66 24.12 18.63
CA SER B 67 11.97 24.09 17.36
C SER B 67 11.84 22.63 16.91
N PHE B 68 11.00 22.43 15.87
CA PHE B 68 10.62 21.10 15.43
C PHE B 68 10.78 21.03 13.92
N PRO B 69 11.60 20.08 13.40
CA PRO B 69 11.80 19.93 11.96
C PRO B 69 10.59 19.28 11.30
N TYR B 70 10.27 19.75 10.10
CA TYR B 70 9.22 19.13 9.32
C TYR B 70 9.56 19.30 7.85
N ARG B 71 9.05 18.36 7.05
CA ARG B 71 9.02 18.54 5.61
C ARG B 71 7.66 19.13 5.24
N THR B 72 7.67 20.22 4.48
CA THR B 72 6.46 20.76 3.91
C THR B 72 6.36 20.23 2.48
N LYS B 73 5.14 19.91 2.04
CA LYS B 73 4.89 19.45 0.68
C LYS B 73 3.63 20.14 0.15
N ALA B 74 3.65 20.45 -1.14
CA ALA B 74 2.50 21.00 -1.82
C ALA B 74 2.20 20.11 -3.00
N LEU B 75 0.94 19.70 -3.10
CA LEU B 75 0.54 18.84 -4.20
C LEU B 75 -0.79 19.33 -4.76
N PHE B 76 -0.98 19.01 -6.04
CA PHE B 76 -2.14 19.40 -6.82
C PHE B 76 -2.68 18.18 -7.54
N ALA B 77 -4.00 18.15 -7.72
CA ALA B 77 -4.68 17.15 -8.55
C ALA B 77 -5.32 17.85 -9.75
N PHE B 78 -5.17 17.25 -10.93
CA PHE B 78 -5.68 17.78 -12.18
C PHE B 78 -6.59 16.72 -12.81
N GLU B 79 -7.62 17.13 -13.55
CA GLU B 79 -8.44 16.22 -14.34
C GLU B 79 -8.49 16.75 -15.76
N GLU B 80 -8.40 15.86 -16.75
CA GLU B 80 -8.62 16.26 -18.14
C GLU B 80 -10.12 16.44 -18.35
N ILE B 81 -10.50 17.62 -18.84
CA ILE B 81 -11.88 17.99 -19.12
C ILE B 81 -11.89 18.63 -20.51
N ASP B 82 -12.41 17.90 -21.51
CA ASP B 82 -12.37 18.31 -22.91
C ASP B 82 -10.92 18.40 -23.39
N GLY B 83 -10.14 17.34 -23.09
CA GLY B 83 -8.78 17.21 -23.58
C GLY B 83 -7.79 18.20 -22.95
N VAL B 84 -8.19 18.89 -21.87
CA VAL B 84 -7.35 19.91 -21.26
C VAL B 84 -7.34 19.72 -19.73
N ASP B 85 -6.19 19.96 -19.10
CA ASP B 85 -6.08 19.78 -17.65
C ASP B 85 -6.80 20.91 -16.92
N LEU B 86 -7.61 20.50 -15.94
CA LEU B 86 -8.10 21.40 -14.89
C LEU B 86 -7.45 21.04 -13.56
N CYS B 87 -6.81 22.02 -12.92
CA CYS B 87 -6.37 21.88 -11.55
C CYS B 87 -7.56 22.10 -10.62
N PHE B 88 -7.99 21.05 -9.90
CA PHE B 88 -9.23 21.12 -9.16
C PHE B 88 -9.03 20.97 -7.65
N PHE B 89 -7.81 20.68 -7.20
CA PHE B 89 -7.56 20.40 -5.80
C PHE B 89 -6.11 20.72 -5.46
N GLY B 90 -5.91 21.35 -4.29
CA GLY B 90 -4.59 21.65 -3.75
C GLY B 90 -4.52 21.30 -2.26
N MET B 91 -3.32 20.92 -1.79
CA MET B 91 -3.09 20.54 -0.41
C MET B 91 -1.64 20.82 0.00
N HIS B 92 -1.48 21.50 1.14
CA HIS B 92 -0.18 21.72 1.75
C HIS B 92 -0.15 20.94 3.04
N VAL B 93 0.93 20.18 3.28
CA VAL B 93 1.05 19.36 4.47
C VAL B 93 2.37 19.63 5.17
N GLN B 94 2.41 19.36 6.48
CA GLN B 94 3.61 19.41 7.29
C GLN B 94 3.82 18.02 7.86
N GLU B 95 5.00 17.44 7.65
CA GLU B 95 5.29 16.08 8.07
C GLU B 95 6.48 16.09 9.03
N TYR B 96 6.22 15.67 10.27
CA TYR B 96 7.20 15.57 11.33
C TYR B 96 7.62 14.10 11.51
N GLY B 97 8.82 13.78 11.04
CA GLY B 97 9.30 12.41 10.94
C GLY B 97 9.78 11.86 12.27
N SER B 98 10.49 10.74 12.18
CA SER B 98 10.80 9.92 13.36
C SER B 98 11.93 10.53 14.16
N ASP B 99 12.71 11.43 13.56
CA ASP B 99 13.83 12.06 14.24
C ASP B 99 13.39 13.38 14.89
N CYS B 100 12.17 13.84 14.56
CA CYS B 100 11.60 14.99 15.22
C CYS B 100 11.43 14.71 16.72
N PRO B 101 11.87 15.62 17.62
CA PRO B 101 11.62 15.43 19.05
C PRO B 101 10.14 15.31 19.40
N PRO B 102 9.76 14.68 20.53
CA PRO B 102 8.40 14.80 21.05
C PRO B 102 8.13 16.26 21.34
N PRO B 103 6.87 16.74 21.29
CA PRO B 103 5.69 15.90 21.04
C PRO B 103 5.24 15.70 19.60
N ASN B 104 6.08 16.06 18.64
CA ASN B 104 5.66 16.19 17.25
C ASN B 104 5.95 14.93 16.43
N GLN B 105 6.65 13.96 17.04
CA GLN B 105 7.26 12.84 16.31
C GLN B 105 6.20 11.97 15.60
N ARG B 106 6.42 11.71 14.30
CA ARG B 106 5.61 10.81 13.50
C ARG B 106 4.19 11.34 13.32
N ARG B 107 4.05 12.65 13.09
CA ARG B 107 2.74 13.28 12.95
C ARG B 107 2.74 14.08 11.65
N VAL B 108 1.59 14.06 10.96
CA VAL B 108 1.33 14.90 9.80
C VAL B 108 0.20 15.87 10.14
N TYR B 109 0.33 17.12 9.69
CA TYR B 109 -0.70 18.11 9.84
C TYR B 109 -1.03 18.68 8.46
N ILE B 110 -2.33 18.78 8.16
CA ILE B 110 -2.77 19.43 6.92
C ILE B 110 -2.88 20.93 7.19
N SER B 111 -1.97 21.67 6.54
CA SER B 111 -1.92 23.11 6.62
C SER B 111 -3.15 23.73 5.98
N TYR B 112 -3.37 23.38 4.70
CA TYR B 112 -4.39 24.00 3.89
C TYR B 112 -4.87 23.00 2.83
N LEU B 113 -6.18 22.99 2.60
CA LEU B 113 -6.82 22.38 1.45
C LEU B 113 -7.43 23.47 0.59
N ASP B 114 -7.35 23.30 -0.74
CA ASP B 114 -8.11 24.17 -1.62
C ASP B 114 -8.67 23.35 -2.77
N SER B 115 -9.71 23.91 -3.41
CA SER B 115 -10.38 23.24 -4.51
C SER B 115 -11.03 24.25 -5.45
N VAL B 116 -11.23 23.81 -6.68
CA VAL B 116 -12.02 24.52 -7.67
C VAL B 116 -13.08 23.54 -8.19
N HIS B 117 -14.36 23.86 -7.97
CA HIS B 117 -15.40 22.84 -7.87
C HIS B 117 -15.92 22.28 -9.21
N PHE B 118 -15.09 22.26 -10.26
CA PHE B 118 -15.57 21.87 -11.58
C PHE B 118 -15.24 20.41 -11.93
N PHE B 119 -14.89 19.57 -10.95
CA PHE B 119 -14.58 18.18 -11.24
C PHE B 119 -15.73 17.57 -12.05
N ARG B 120 -15.41 16.84 -13.11
CA ARG B 120 -16.42 16.22 -13.98
C ARG B 120 -16.35 14.71 -13.84
N PRO B 121 -17.44 14.00 -13.46
CA PRO B 121 -18.76 14.59 -13.22
C PRO B 121 -18.98 15.04 -11.78
N LYS B 122 -19.88 16.03 -11.61
CA LYS B 122 -20.14 16.65 -10.33
C LYS B 122 -20.52 15.62 -9.25
N CYS B 123 -21.26 14.58 -9.64
CA CYS B 123 -21.74 13.60 -8.68
C CYS B 123 -20.63 12.75 -8.08
N LEU B 124 -19.39 12.79 -8.63
CA LEU B 124 -18.26 12.10 -8.02
C LEU B 124 -17.26 13.05 -7.35
N ARG B 125 -17.58 14.35 -7.27
CA ARG B 125 -16.63 15.34 -6.80
C ARG B 125 -16.22 15.05 -5.34
N THR B 126 -17.22 14.95 -4.46
CA THR B 126 -17.00 14.68 -3.06
C THR B 126 -16.18 13.40 -2.90
N ALA B 127 -16.50 12.37 -3.71
CA ALA B 127 -15.89 11.05 -3.54
C ALA B 127 -14.41 11.08 -3.88
N VAL B 128 -14.05 11.84 -4.91
CA VAL B 128 -12.66 12.01 -5.32
C VAL B 128 -11.85 12.75 -4.24
N TYR B 129 -12.42 13.81 -3.68
CA TYR B 129 -11.77 14.52 -2.59
C TYR B 129 -11.44 13.56 -1.44
N HIS B 130 -12.43 12.73 -1.07
CA HIS B 130 -12.25 11.75 -0.02
C HIS B 130 -11.16 10.74 -0.41
N GLU B 131 -11.13 10.32 -1.67
CA GLU B 131 -10.15 9.33 -2.12
C GLU B 131 -8.74 9.89 -1.99
N ILE B 132 -8.56 11.18 -2.30
CA ILE B 132 -7.25 11.81 -2.22
C ILE B 132 -6.81 11.87 -0.76
N LEU B 133 -7.69 12.33 0.15
CA LEU B 133 -7.32 12.48 1.55
C LEU B 133 -7.07 11.11 2.20
N ILE B 134 -7.96 10.15 1.96
CA ILE B 134 -7.79 8.81 2.54
C ILE B 134 -6.46 8.24 2.07
N GLY B 135 -6.22 8.34 0.75
CA GLY B 135 -5.00 7.85 0.15
C GLY B 135 -3.75 8.49 0.75
N TYR B 136 -3.84 9.79 1.07
CA TYR B 136 -2.72 10.49 1.68
C TYR B 136 -2.45 9.88 3.06
N LEU B 137 -3.51 9.65 3.83
CA LEU B 137 -3.38 9.08 5.17
C LEU B 137 -2.83 7.65 5.08
N GLU B 138 -3.26 6.91 4.07
CA GLU B 138 -2.79 5.56 3.80
C GLU B 138 -1.30 5.58 3.52
N TYR B 139 -0.88 6.53 2.69
CA TYR B 139 0.51 6.64 2.26
C TYR B 139 1.43 6.90 3.46
N VAL B 140 1.10 7.91 4.28
CA VAL B 140 2.00 8.32 5.35
C VAL B 140 2.01 7.27 6.45
N LYS B 141 0.87 6.62 6.66
CA LYS B 141 0.78 5.44 7.50
C LYS B 141 1.84 4.42 7.10
N LYS B 142 1.88 4.07 5.81
CA LYS B 142 2.80 3.07 5.29
C LYS B 142 4.25 3.46 5.56
N LEU B 143 4.55 4.77 5.60
CA LEU B 143 5.90 5.24 5.91
C LEU B 143 6.20 5.15 7.40
N GLY B 144 5.16 5.04 8.23
CA GLY B 144 5.34 4.93 9.67
C GLY B 144 4.96 6.19 10.47
N TYR B 145 4.20 7.12 9.87
CA TYR B 145 3.57 8.20 10.62
C TYR B 145 2.37 7.60 11.36
N THR B 146 2.21 7.94 12.65
CA THR B 146 1.24 7.29 13.52
C THR B 146 -0.07 8.08 13.59
N THR B 147 0.00 9.42 13.44
CA THR B 147 -1.11 10.31 13.71
C THR B 147 -1.24 11.38 12.62
N GLY B 148 -2.49 11.72 12.26
CA GLY B 148 -2.80 12.85 11.40
C GLY B 148 -3.61 13.90 12.16
N HIS B 149 -3.44 15.17 11.78
CA HIS B 149 -4.05 16.29 12.46
C HIS B 149 -4.78 17.18 11.45
N ILE B 150 -6.07 17.40 11.68
CA ILE B 150 -6.87 18.31 10.86
C ILE B 150 -7.48 19.41 11.73
N TRP B 151 -7.34 20.64 11.26
CA TRP B 151 -8.07 21.79 11.78
C TRP B 151 -9.23 22.03 10.84
N ALA B 152 -10.44 21.70 11.29
CA ALA B 152 -11.65 21.67 10.46
C ALA B 152 -12.32 23.02 10.47
N CYS B 153 -11.63 23.97 9.87
CA CYS B 153 -11.92 25.38 9.85
C CYS B 153 -12.49 25.71 8.47
N PRO B 154 -13.64 26.41 8.28
CA PRO B 154 -14.07 26.82 6.94
C PRO B 154 -13.22 27.96 6.40
N PRO B 155 -13.02 28.05 5.07
CA PRO B 155 -12.35 29.21 4.47
C PRO B 155 -13.21 30.45 4.55
N SER B 156 -12.62 31.62 4.31
CA SER B 156 -13.34 32.88 4.26
C SER B 156 -13.30 33.38 2.81
N GLU B 157 -14.32 34.15 2.41
CA GLU B 157 -14.34 34.71 1.06
C GLU B 157 -13.10 35.60 0.84
N GLY B 158 -12.65 36.26 1.90
CA GLY B 158 -11.68 37.34 1.81
C GLY B 158 -10.22 36.88 1.82
N ASP B 159 -9.97 35.58 2.06
CA ASP B 159 -8.60 35.08 2.09
C ASP B 159 -8.50 33.73 1.38
N ASP B 160 -8.12 33.78 0.09
CA ASP B 160 -7.90 32.59 -0.71
C ASP B 160 -6.73 31.81 -0.14
N TYR B 161 -6.90 30.49 0.08
CA TYR B 161 -5.80 29.67 0.59
C TYR B 161 -4.71 29.49 -0.47
N ILE B 162 -5.10 28.93 -1.63
CA ILE B 162 -4.12 28.60 -2.65
C ILE B 162 -4.52 29.20 -4.00
N PHE B 163 -5.80 29.00 -4.40
CA PHE B 163 -6.30 29.46 -5.69
C PHE B 163 -6.89 30.86 -5.58
N HIS B 164 -6.44 31.74 -6.48
CA HIS B 164 -6.90 33.12 -6.57
C HIS B 164 -8.24 33.18 -7.28
N CYS B 165 -9.22 33.83 -6.64
CA CYS B 165 -10.55 34.09 -7.18
CA CYS B 165 -10.55 34.09 -7.17
C CYS B 165 -11.30 32.79 -7.45
N HIS B 166 -12.04 32.33 -6.43
CA HIS B 166 -12.87 31.15 -6.49
C HIS B 166 -14.16 31.43 -7.25
N PRO B 167 -14.86 30.39 -7.75
CA PRO B 167 -16.15 30.55 -8.41
C PRO B 167 -17.13 31.19 -7.44
N PRO B 168 -17.87 32.25 -7.89
CA PRO B 168 -18.85 32.93 -7.04
C PRO B 168 -19.85 32.03 -6.33
N ASP B 169 -20.20 30.90 -6.95
CA ASP B 169 -21.20 30.00 -6.40
C ASP B 169 -20.54 28.71 -5.91
N GLN B 170 -19.24 28.74 -5.63
CA GLN B 170 -18.63 27.66 -4.88
C GLN B 170 -18.98 27.89 -3.42
N LYS B 171 -19.66 26.91 -2.82
CA LYS B 171 -20.29 27.09 -1.53
C LYS B 171 -19.29 26.85 -0.40
N ILE B 172 -19.20 27.79 0.53
CA ILE B 172 -18.40 27.60 1.73
C ILE B 172 -19.27 26.91 2.77
N PRO B 173 -18.88 25.73 3.29
CA PRO B 173 -19.67 25.05 4.33
C PRO B 173 -19.64 25.79 5.67
N LYS B 174 -20.74 25.69 6.42
CA LYS B 174 -20.75 26.12 7.80
C LYS B 174 -20.04 25.06 8.65
N PRO B 175 -19.55 25.41 9.85
CA PRO B 175 -18.74 24.48 10.65
C PRO B 175 -19.30 23.08 10.83
N LYS B 176 -20.57 22.97 11.21
CA LYS B 176 -21.14 21.66 11.51
C LYS B 176 -21.16 20.79 10.27
N ARG B 177 -21.53 21.37 9.13
CA ARG B 177 -21.51 20.66 7.86
C ARG B 177 -20.09 20.21 7.50
N LEU B 178 -19.12 21.11 7.67
CA LEU B 178 -17.72 20.77 7.39
C LEU B 178 -17.24 19.65 8.31
N GLN B 179 -17.55 19.73 9.60
CA GLN B 179 -17.17 18.70 10.54
C GLN B 179 -17.73 17.34 10.12
N GLU B 180 -19.00 17.33 9.70
CA GLU B 180 -19.66 16.12 9.23
C GLU B 180 -18.98 15.62 7.96
N TRP B 181 -18.52 16.54 7.11
CA TRP B 181 -17.80 16.15 5.89
C TRP B 181 -16.54 15.36 6.24
N TYR B 182 -15.77 15.84 7.23
CA TYR B 182 -14.53 15.19 7.60
C TYR B 182 -14.81 13.83 8.27
N LYS B 183 -15.84 13.77 9.11
CA LYS B 183 -16.23 12.51 9.72
C LYS B 183 -16.57 11.46 8.67
N LYS B 184 -17.33 11.86 7.64
CA LYS B 184 -17.72 10.96 6.57
C LYS B 184 -16.48 10.36 5.91
N MET B 185 -15.51 11.23 5.61
CA MET B 185 -14.23 10.80 5.05
C MET B 185 -13.54 9.86 6.02
N LEU B 186 -13.50 10.23 7.29
CA LEU B 186 -12.67 9.48 8.24
C LEU B 186 -13.33 8.14 8.54
N ASP B 187 -14.67 8.07 8.45
CA ASP B 187 -15.40 6.84 8.67
C ASP B 187 -15.10 5.87 7.53
N LYS B 188 -15.01 6.38 6.30
CA LYS B 188 -14.68 5.54 5.16
C LYS B 188 -13.27 5.01 5.32
N ALA B 189 -12.37 5.83 5.87
CA ALA B 189 -10.99 5.41 6.09
C ALA B 189 -10.93 4.33 7.17
N VAL B 190 -11.79 4.42 8.19
CA VAL B 190 -11.89 3.40 9.21
C VAL B 190 -12.37 2.09 8.56
N SER B 191 -13.40 2.18 7.71
CA SER B 191 -13.99 1.02 7.07
CA SER B 191 -13.99 1.02 7.07
C SER B 191 -12.95 0.28 6.24
N GLU B 192 -11.99 1.02 5.68
CA GLU B 192 -10.97 0.39 4.86
C GLU B 192 -9.76 -0.02 5.70
N ARG B 193 -9.84 0.13 7.02
CA ARG B 193 -8.81 -0.33 7.93
C ARG B 193 -7.53 0.50 7.76
N ILE B 194 -7.69 1.76 7.34
CA ILE B 194 -6.58 2.68 7.16
C ILE B 194 -6.43 3.47 8.45
N VAL B 195 -7.51 4.15 8.84
CA VAL B 195 -7.55 4.80 10.12
C VAL B 195 -8.05 3.79 11.15
N HIS B 196 -7.36 3.70 12.29
CA HIS B 196 -7.79 2.87 13.41
C HIS B 196 -8.95 3.55 14.13
N ASP B 197 -8.75 4.82 14.50
CA ASP B 197 -9.80 5.62 15.10
C ASP B 197 -9.42 7.10 15.00
N TYR B 198 -10.38 7.97 15.31
CA TYR B 198 -10.11 9.40 15.38
C TYR B 198 -10.90 9.94 16.54
N LYS B 199 -10.43 11.07 17.10
CA LYS B 199 -11.04 11.70 18.25
C LYS B 199 -10.83 13.21 18.20
N ASP B 200 -11.68 13.95 18.90
CA ASP B 200 -11.46 15.38 19.06
C ASP B 200 -10.25 15.61 19.96
N ILE B 201 -9.66 16.80 19.87
CA ILE B 201 -8.41 17.08 20.57
C ILE B 201 -8.61 16.98 22.09
N PHE B 202 -9.78 17.40 22.60
CA PHE B 202 -10.02 17.42 24.04
C PHE B 202 -9.99 16.01 24.59
N LYS B 203 -10.74 15.11 23.95
CA LYS B 203 -10.83 13.72 24.35
C LYS B 203 -9.50 13.02 24.15
N GLN B 204 -8.82 13.34 23.04
CA GLN B 204 -7.52 12.77 22.77
C GLN B 204 -6.54 13.15 23.89
N ALA B 205 -6.55 14.42 24.29
CA ALA B 205 -5.67 14.90 25.35
C ALA B 205 -5.96 14.17 26.67
N THR B 206 -7.25 14.04 26.99
CA THR B 206 -7.70 13.39 28.21
C THR B 206 -7.18 11.95 28.26
N GLU B 207 -7.44 11.19 27.19
CA GLU B 207 -7.04 9.78 27.12
C GLU B 207 -5.51 9.62 27.21
N ASP B 208 -4.74 10.58 26.68
CA ASP B 208 -3.28 10.49 26.71
C ASP B 208 -2.73 10.99 28.04
N ARG B 209 -3.60 11.52 28.90
CA ARG B 209 -3.19 12.11 30.17
C ARG B 209 -2.14 13.18 29.93
N LEU B 210 -2.47 14.11 29.02
CA LEU B 210 -1.70 15.33 28.84
C LEU B 210 -1.84 16.19 30.11
N THR B 211 -0.71 16.58 30.69
CA THR B 211 -0.72 17.33 31.94
C THR B 211 -0.02 18.69 31.79
N SER B 212 0.76 18.88 30.71
CA SER B 212 1.50 20.12 30.47
C SER B 212 1.32 20.57 29.00
N ALA B 213 1.33 21.88 28.79
CA ALA B 213 1.19 22.48 27.47
C ALA B 213 2.31 22.03 26.53
N LYS B 214 3.48 21.74 27.11
CA LYS B 214 4.68 21.33 26.39
C LYS B 214 4.47 19.98 25.70
N GLU B 215 3.41 19.23 26.07
CA GLU B 215 3.17 17.93 25.46
C GLU B 215 2.22 18.00 24.27
N LEU B 216 1.68 19.19 24.00
CA LEU B 216 0.68 19.31 22.95
C LEU B 216 1.40 19.52 21.62
N PRO B 217 1.14 18.71 20.57
CA PRO B 217 1.80 18.90 19.28
C PRO B 217 1.73 20.35 18.81
N TYR B 218 2.86 20.84 18.29
CA TYR B 218 3.11 22.24 18.03
C TYR B 218 3.43 22.47 16.56
N PHE B 219 2.44 22.93 15.78
CA PHE B 219 2.59 23.01 14.34
C PHE B 219 2.66 24.45 13.86
N GLU B 220 3.34 24.67 12.72
CA GLU B 220 3.44 25.97 12.09
C GLU B 220 2.04 26.44 11.67
N GLY B 221 1.65 27.61 12.17
CA GLY B 221 0.44 28.31 11.74
C GLY B 221 -0.83 27.78 12.41
N ASP B 222 -0.69 26.81 13.30
CA ASP B 222 -1.85 26.18 13.91
C ASP B 222 -2.40 27.11 14.99
N PHE B 223 -3.62 26.80 15.42
CA PHE B 223 -4.38 27.57 16.40
C PHE B 223 -3.71 27.53 17.77
N TRP B 224 -3.18 26.36 18.14
CA TRP B 224 -2.83 26.07 19.53
C TRP B 224 -1.62 26.85 20.00
N PRO B 225 -0.53 26.98 19.21
CA PRO B 225 0.57 27.85 19.60
C PRO B 225 0.14 29.27 19.93
N ASN B 226 -0.81 29.84 19.16
CA ASN B 226 -1.29 31.20 19.42
C ASN B 226 -2.13 31.26 20.69
N VAL B 227 -3.00 30.27 20.90
CA VAL B 227 -3.75 30.15 22.14
C VAL B 227 -2.80 30.12 23.33
N LEU B 228 -1.71 29.34 23.24
CA LEU B 228 -0.78 29.23 24.36
C LEU B 228 -0.12 30.59 24.62
N GLU B 229 0.27 31.32 23.56
CA GLU B 229 0.90 32.63 23.70
C GLU B 229 -0.06 33.63 24.38
N GLU B 230 -1.33 33.63 23.97
CA GLU B 230 -2.35 34.53 24.54
C GLU B 230 -2.60 34.17 26.00
N SER B 231 -2.67 32.87 26.31
CA SER B 231 -2.90 32.41 27.67
C SER B 231 -1.76 32.82 28.59
N ILE B 232 -0.51 32.67 28.12
CA ILE B 232 0.64 32.96 28.96
C ILE B 232 0.64 34.45 29.29
N LYS B 233 0.36 35.30 28.29
CA LYS B 233 0.37 36.73 28.51
C LYS B 233 -0.67 37.09 29.56
N GLU B 234 -1.85 36.47 29.48
CA GLU B 234 -2.93 36.76 30.42
C GLU B 234 -2.48 36.36 31.82
N LEU B 235 -1.99 35.13 31.96
CA LEU B 235 -1.61 34.57 33.25
C LEU B 235 -0.52 35.41 33.90
N GLU B 236 0.43 35.91 33.10
CA GLU B 236 1.59 36.61 33.63
C GLU B 236 1.23 38.05 34.00
N GLN B 237 0.07 38.55 33.55
CA GLN B 237 -0.41 39.86 33.95
C GLN B 237 -1.02 39.86 35.37
N LYS B 238 -1.27 38.68 35.95
CA LYS B 238 -1.92 38.58 37.26
C LYS B 238 -0.93 38.85 38.39
N THR B 239 -1.40 39.49 39.47
CA THR B 239 -0.64 39.56 40.70
C THR B 239 -1.58 39.16 41.83
N SER B 240 -1.02 38.81 42.98
CA SER B 240 -1.81 38.50 44.17
C SER B 240 -0.98 38.72 45.43
N LYS B 241 -1.71 39.06 46.50
CA LYS B 241 -1.12 39.45 47.77
C LYS B 241 -0.81 38.21 48.61
N ASN B 242 -0.03 38.41 49.66
CA ASN B 242 0.44 37.32 50.51
C ASN B 242 -0.77 36.61 51.10
N LYS B 243 -0.67 35.28 51.22
CA LYS B 243 -1.73 34.48 51.80
C LYS B 243 -1.56 34.46 53.32
N SER B 244 -2.64 34.12 54.04
CA SER B 244 -2.60 33.91 55.49
C SER B 244 -1.92 32.58 55.81
N SER B 245 -1.98 32.18 57.09
CA SER B 245 -1.41 30.92 57.55
C SER B 245 -2.23 29.71 57.10
N LEU B 246 -3.44 29.92 56.55
CA LEU B 246 -4.21 28.83 55.95
C LEU B 246 -4.67 29.24 54.54
N ASN B 258 2.41 27.19 39.04
CA ASN B 258 0.93 27.40 39.03
C ASN B 258 0.50 28.26 37.85
N VAL B 259 1.39 29.11 37.33
CA VAL B 259 1.18 29.69 36.01
C VAL B 259 1.10 28.54 35.00
N SER B 260 2.00 27.54 35.11
CA SER B 260 2.00 26.40 34.20
C SER B 260 0.81 25.47 34.47
N ASN B 261 0.42 25.37 35.75
CA ASN B 261 -0.74 24.60 36.15
C ASN B 261 -2.01 25.35 35.72
N ASP B 262 -2.04 26.67 35.95
CA ASP B 262 -3.08 27.55 35.44
C ASP B 262 -3.10 27.49 33.91
N LEU B 263 -1.91 27.41 33.28
CA LEU B 263 -1.82 27.31 31.83
C LEU B 263 -2.50 26.03 31.33
N SER B 264 -2.15 24.89 31.94
CA SER B 264 -2.79 23.62 31.63
C SER B 264 -4.31 23.72 31.69
N GLN B 265 -4.81 24.39 32.73
CA GLN B 265 -6.25 24.48 32.97
C GLN B 265 -6.92 25.34 31.89
N LYS B 266 -6.35 26.50 31.60
CA LYS B 266 -6.82 27.31 30.49
C LYS B 266 -6.85 26.50 29.19
N LEU B 267 -5.81 25.70 28.94
CA LEU B 267 -5.69 24.92 27.72
C LEU B 267 -6.79 23.85 27.62
N TYR B 268 -7.04 23.13 28.72
CA TYR B 268 -8.08 22.12 28.70
C TYR B 268 -9.44 22.78 28.44
N ALA B 269 -9.68 23.94 29.04
CA ALA B 269 -10.93 24.66 28.84
C ALA B 269 -11.10 25.06 27.37
N THR B 270 -10.04 25.61 26.76
CA THR B 270 -10.11 26.09 25.39
C THR B 270 -10.34 24.93 24.44
N MET B 271 -9.65 23.80 24.69
CA MET B 271 -9.81 22.56 23.95
C MET B 271 -11.25 22.04 24.01
N GLU B 272 -11.86 22.01 25.21
CA GLU B 272 -13.23 21.53 25.33
C GLU B 272 -14.15 22.46 24.55
N LYS B 273 -13.93 23.77 24.65
CA LYS B 273 -14.80 24.76 24.04
C LYS B 273 -14.79 24.65 22.52
N HIS B 274 -13.67 24.21 21.93
CA HIS B 274 -13.53 24.19 20.48
C HIS B 274 -13.26 22.80 19.94
N LYS B 275 -13.57 21.75 20.72
CA LYS B 275 -13.07 20.41 20.42
C LYS B 275 -13.55 19.86 19.07
N GLU B 276 -14.74 20.27 18.62
CA GLU B 276 -15.38 19.67 17.44
C GLU B 276 -14.59 20.01 16.16
N VAL B 277 -13.79 21.08 16.24
CA VAL B 277 -13.05 21.66 15.12
C VAL B 277 -11.72 20.95 14.90
N PHE B 278 -11.22 20.21 15.92
CA PHE B 278 -9.84 19.73 15.91
C PHE B 278 -9.82 18.21 15.98
N PHE B 279 -9.41 17.57 14.87
CA PHE B 279 -9.38 16.12 14.76
C PHE B 279 -7.95 15.62 14.95
N VAL B 280 -7.84 14.58 15.77
CA VAL B 280 -6.63 13.77 15.86
C VAL B 280 -6.96 12.39 15.35
N ILE B 281 -6.22 11.95 14.33
CA ILE B 281 -6.54 10.77 13.56
C ILE B 281 -5.47 9.72 13.81
N ARG B 282 -5.82 8.62 14.48
CA ARG B 282 -4.82 7.61 14.81
C ARG B 282 -4.72 6.63 13.65
N LEU B 283 -3.53 6.57 13.04
CA LEU B 283 -3.22 5.74 11.89
C LEU B 283 -2.64 4.39 12.33
N ILE B 284 -1.72 4.40 13.31
CA ILE B 284 -1.12 3.18 13.84
C ILE B 284 -1.28 3.20 15.36
N ALA B 285 -2.01 2.22 15.89
CA ALA B 285 -2.37 2.20 17.31
C ALA B 285 -1.61 1.09 18.03
N GLY B 286 -1.94 0.91 19.32
CA GLY B 286 -1.53 -0.25 20.08
C GLY B 286 0.00 -0.36 20.15
N PRO B 287 0.55 -1.56 20.43
CA PRO B 287 1.99 -1.74 20.52
C PRO B 287 2.71 -1.61 19.18
N ALA B 288 1.96 -1.66 18.07
CA ALA B 288 2.54 -1.47 16.74
C ALA B 288 3.26 -0.14 16.67
N ALA B 289 2.76 0.87 17.40
CA ALA B 289 3.23 2.25 17.31
C ALA B 289 4.54 2.49 18.05
N ASN B 290 5.01 1.50 18.82
CA ASN B 290 6.18 1.68 19.68
C ASN B 290 7.45 1.08 19.09
N SER B 291 7.32 0.17 18.11
CA SER B 291 8.48 -0.54 17.56
C SER B 291 8.57 -0.36 16.05
N LEU B 292 8.30 0.86 15.57
CA LEU B 292 8.40 1.19 14.15
C LEU B 292 9.85 1.52 13.81
N PRO B 293 10.35 1.15 12.60
CA PRO B 293 11.68 1.60 12.15
C PRO B 293 11.66 3.09 11.79
N PRO B 294 12.85 3.71 11.60
CA PRO B 294 12.94 5.08 11.10
C PRO B 294 12.06 5.36 9.88
N ILE B 295 11.46 6.57 9.84
CA ILE B 295 10.70 7.00 8.68
C ILE B 295 11.70 7.43 7.61
N VAL B 296 11.58 6.81 6.43
CA VAL B 296 12.40 7.16 5.29
C VAL B 296 11.47 7.56 4.15
N ASP B 297 11.58 8.81 3.72
CA ASP B 297 10.78 9.31 2.62
C ASP B 297 11.55 9.02 1.33
N PRO B 298 11.01 8.18 0.42
CA PRO B 298 11.74 7.83 -0.81
C PRO B 298 11.79 8.96 -1.83
N ASP B 299 10.96 10.00 -1.64
CA ASP B 299 10.84 11.08 -2.61
C ASP B 299 11.90 12.13 -2.29
N PRO B 300 12.59 12.69 -3.31
CA PRO B 300 13.55 13.77 -3.09
C PRO B 300 12.81 15.08 -2.81
N LEU B 301 13.57 16.05 -2.29
CA LEU B 301 13.11 17.40 -2.14
C LEU B 301 12.90 18.01 -3.52
N ILE B 302 11.97 18.97 -3.58
CA ILE B 302 11.55 19.59 -4.82
C ILE B 302 11.55 21.10 -4.59
N PRO B 303 12.67 21.77 -4.87
CA PRO B 303 12.74 23.22 -4.70
C PRO B 303 11.80 23.83 -5.73
N CYS B 304 11.01 24.81 -5.30
CA CYS B 304 10.10 25.48 -6.20
C CYS B 304 9.58 26.72 -5.50
N ASP B 305 10.29 27.83 -5.66
CA ASP B 305 9.95 29.11 -5.07
C ASP B 305 8.47 29.42 -5.23
N LEU B 306 7.94 29.27 -6.44
CA LEU B 306 6.57 29.62 -6.75
C LEU B 306 5.57 28.95 -5.80
N MET B 307 5.86 27.70 -5.40
CA MET B 307 4.88 26.87 -4.69
C MET B 307 5.27 26.68 -3.22
N ASP B 308 6.30 27.41 -2.78
CA ASP B 308 6.69 27.48 -1.39
C ASP B 308 5.70 28.39 -0.67
N GLY B 309 5.09 27.90 0.41
CA GLY B 309 4.06 28.67 1.08
C GLY B 309 2.91 29.00 0.13
N ARG B 310 2.20 30.09 0.41
CA ARG B 310 0.98 30.41 -0.30
C ARG B 310 1.07 31.68 -1.13
N ASP B 311 1.91 32.65 -0.71
CA ASP B 311 1.82 34.01 -1.21
C ASP B 311 2.32 34.12 -2.64
N ALA B 312 3.42 33.44 -2.96
CA ALA B 312 4.06 33.59 -4.25
C ALA B 312 3.09 33.18 -5.36
N PHE B 313 2.36 32.08 -5.17
CA PHE B 313 1.46 31.59 -6.20
C PHE B 313 0.24 32.50 -6.27
N LEU B 314 -0.24 33.01 -5.13
CA LEU B 314 -1.36 33.95 -5.13
C LEU B 314 -0.98 35.24 -5.87
N THR B 315 0.28 35.70 -5.68
CA THR B 315 0.72 36.96 -6.27
C THR B 315 0.84 36.80 -7.78
N LEU B 316 1.43 35.68 -8.21
CA LEU B 316 1.55 35.40 -9.63
C LEU B 316 0.17 35.51 -10.28
N ALA B 317 -0.83 34.85 -9.68
CA ALA B 317 -2.14 34.77 -10.29
C ALA B 317 -2.78 36.16 -10.35
N ARG B 318 -2.59 36.92 -9.27
CA ARG B 318 -3.07 38.28 -9.21
C ARG B 318 -2.41 39.11 -10.30
N ASP B 319 -1.09 38.97 -10.42
CA ASP B 319 -0.30 39.77 -11.35
C ASP B 319 -0.65 39.43 -12.79
N ARG B 320 -0.97 38.16 -13.07
CA ARG B 320 -1.20 37.72 -14.43
CA ARG B 320 -1.20 37.72 -14.43
C ARG B 320 -2.71 37.58 -14.68
N HIS B 321 -3.52 38.12 -13.75
CA HIS B 321 -4.97 38.13 -13.89
C HIS B 321 -5.50 36.71 -14.12
N LEU B 322 -4.94 35.73 -13.41
CA LEU B 322 -5.40 34.36 -13.48
C LEU B 322 -6.49 34.16 -12.42
N GLU B 323 -7.68 33.77 -12.86
CA GLU B 323 -8.74 33.43 -11.93
C GLU B 323 -9.04 31.94 -12.01
N PHE B 324 -9.68 31.44 -10.96
CA PHE B 324 -10.22 30.10 -10.92
C PHE B 324 -11.73 30.18 -10.75
N SER B 325 -12.34 31.21 -11.36
CA SER B 325 -13.72 31.59 -11.04
C SER B 325 -14.74 30.99 -12.01
N SER B 326 -14.27 30.37 -13.09
CA SER B 326 -15.13 29.66 -14.03
C SER B 326 -14.34 28.49 -14.59
N LEU B 327 -15.02 27.52 -15.24
CA LEU B 327 -14.31 26.39 -15.81
C LEU B 327 -13.25 26.91 -16.79
N ARG B 328 -13.65 27.82 -17.69
CA ARG B 328 -12.75 28.28 -18.75
C ARG B 328 -11.53 28.98 -18.15
N ARG B 329 -11.75 29.90 -17.19
CA ARG B 329 -10.67 30.65 -16.55
C ARG B 329 -9.75 29.72 -15.77
N ALA B 330 -10.33 28.75 -15.04
CA ALA B 330 -9.54 27.79 -14.27
C ALA B 330 -8.71 26.92 -15.22
N GLN B 331 -9.29 26.57 -16.37
CA GLN B 331 -8.55 25.79 -17.36
C GLN B 331 -7.40 26.63 -17.92
N TRP B 332 -7.66 27.92 -18.15
CA TRP B 332 -6.61 28.86 -18.57
C TRP B 332 -5.52 28.99 -17.49
N SER B 333 -5.95 29.24 -16.24
CA SER B 333 -5.02 29.43 -15.13
C SER B 333 -4.17 28.19 -14.89
N THR B 334 -4.78 27.00 -15.08
CA THR B 334 -4.08 25.73 -15.00
C THR B 334 -2.96 25.66 -16.05
N GLY B 335 -3.31 25.95 -17.31
CA GLY B 335 -2.30 25.97 -18.37
C GLY B 335 -1.13 26.87 -18.01
N CYS B 336 -1.42 28.10 -17.57
CA CYS B 336 -0.39 29.09 -17.26
C CYS B 336 0.44 28.64 -16.06
N MET B 337 -0.19 27.94 -15.11
CA MET B 337 0.54 27.42 -13.95
C MET B 337 1.57 26.40 -14.43
N LEU B 338 1.15 25.53 -15.35
CA LEU B 338 1.99 24.43 -15.84
C LEU B 338 3.18 24.97 -16.62
N VAL B 339 2.97 26.07 -17.36
CA VAL B 339 4.07 26.78 -18.03
C VAL B 339 5.10 27.20 -16.98
N GLU B 340 4.65 27.94 -15.96
CA GLU B 340 5.53 28.48 -14.94
C GLU B 340 6.29 27.39 -14.20
N LEU B 341 5.67 26.20 -14.06
CA LEU B 341 6.28 25.09 -13.36
C LEU B 341 7.29 24.39 -14.26
N HIS B 342 6.98 24.22 -15.55
CA HIS B 342 7.88 23.55 -16.48
C HIS B 342 9.18 24.32 -16.67
N THR B 343 9.14 25.64 -16.47
CA THR B 343 10.34 26.48 -16.55
C THR B 343 10.83 26.74 -15.13
#